data_8QZI
#
_entry.id   8QZI
#
_cell.length_a   47.335
_cell.length_b   280.843
_cell.length_c   47.340
_cell.angle_alpha   90.000
_cell.angle_beta   92.829
_cell.angle_gamma   90.000
#
_symmetry.space_group_name_H-M   'P 1 21 1'
#
loop_
_entity.id
_entity.type
_entity.pdbx_description
1 polymer "4'-phosphopantetheinyl transferase PptT"
2 polymer 'Phenolphthiocerol/phthiocerol polyketide synthase subunit C'
3 non-polymer 'COENZYME A'
4 non-polymer 'MANGANESE (II) ION'
5 non-polymer 'ISOPROPYL ALCOHOL'
6 water water
#
loop_
_entity_poly.entity_id
_entity_poly.type
_entity_poly.pdbx_seq_one_letter_code
_entity_poly.pdbx_strand_id
1 'polypeptide(L)'
;MGSSHHHHHHSSGLVPRGSHMTVGTLVASVLPATVFEDLAYAELYSDPPGLTPLPEEAPLIARSVAKRRNEFITVRHCAR
IALDQLGVPPAPILKGDKGEPCWPDGMVGSLTHCAGYRGAVVGRRDAVRSVGIDAEPHDVLPNGVLDAISLPAERADMPR
TMPAALHWDRILFCAKEATYKAWFPLTKRWLGFEDAHITFETDSTGWTGRFVSRILIDGSTLSGPPLTTLRGRWSVERGL
VLTAIVL
;
A,B,C,D
2 'polypeptide(L)'
;(MSE)GSSHHHHHHSSGLVPRGSH(MSE)HDSAARKSGQRRGGGAIRAQLDALDAAERPGHLASAIADEIRAVLRSGDPI
DHHRPLETLGLDSL(MSE)GLELRNRLEASLGITLPVALVWAYPTISDLATALCER(MSE)DYATPAAAQEISDTEPELS
DEE(MSE)DLLADLVDASELEAATRGESTSGS
;
E,F
#
# COMPACT_ATOMS: atom_id res chain seq x y z
N VAL A 23 -9.26 -49.16 -66.98
CA VAL A 23 -10.53 -49.87 -67.07
C VAL A 23 -11.57 -49.16 -66.20
N GLY A 24 -11.10 -48.26 -65.34
CA GLY A 24 -11.96 -47.59 -64.39
C GLY A 24 -12.64 -46.38 -64.99
N THR A 25 -13.97 -46.31 -64.80
CA THR A 25 -14.78 -45.24 -65.34
C THR A 25 -15.78 -44.69 -64.34
N LEU A 26 -15.67 -45.05 -63.05
CA LEU A 26 -16.65 -44.58 -62.07
C LEU A 26 -16.75 -43.07 -62.04
N VAL A 27 -15.61 -42.39 -61.95
CA VAL A 27 -15.64 -40.93 -61.90
C VAL A 27 -16.46 -40.34 -63.05
N ALA A 28 -16.51 -41.03 -64.19
CA ALA A 28 -17.29 -40.49 -65.30
C ALA A 28 -18.77 -40.38 -64.95
N SER A 29 -19.23 -41.16 -63.96
CA SER A 29 -20.63 -41.14 -63.56
C SER A 29 -21.04 -39.80 -62.98
N VAL A 30 -20.08 -38.95 -62.63
CA VAL A 30 -20.31 -37.63 -62.10
C VAL A 30 -19.51 -36.64 -62.95
N LEU A 31 -19.37 -36.92 -64.23
CA LEU A 31 -18.75 -35.92 -65.08
C LEU A 31 -19.72 -35.44 -66.14
N PRO A 32 -19.50 -34.27 -66.69
CA PRO A 32 -20.26 -33.87 -67.89
C PRO A 32 -19.78 -34.61 -69.13
N ALA A 33 -20.63 -35.44 -69.71
CA ALA A 33 -20.24 -36.14 -70.93
C ALA A 33 -20.12 -35.18 -72.11
N THR A 34 -20.95 -34.14 -72.15
CA THR A 34 -20.98 -33.19 -73.26
C THR A 34 -19.71 -32.34 -73.35
N VAL A 35 -18.70 -32.58 -72.51
CA VAL A 35 -17.48 -31.78 -72.49
C VAL A 35 -16.27 -32.71 -72.46
N PHE A 36 -16.44 -33.94 -72.93
CA PHE A 36 -15.37 -34.93 -72.87
C PHE A 36 -14.27 -34.68 -73.89
N GLU A 37 -14.46 -33.73 -74.81
CA GLU A 37 -13.39 -33.42 -75.75
C GLU A 37 -12.18 -32.83 -75.02
N ASP A 38 -12.43 -32.01 -74.01
CA ASP A 38 -11.36 -31.24 -73.37
C ASP A 38 -11.08 -31.72 -71.96
N LEU A 39 -11.65 -32.86 -71.59
CA LEU A 39 -11.63 -33.33 -70.22
C LEU A 39 -11.36 -34.82 -70.25
N ALA A 40 -10.41 -35.27 -69.44
CA ALA A 40 -10.01 -36.67 -69.37
C ALA A 40 -9.86 -37.09 -67.93
N TYR A 41 -10.01 -38.39 -67.70
CA TYR A 41 -10.00 -38.95 -66.36
C TYR A 41 -9.27 -40.29 -66.36
N ALA A 42 -8.71 -40.65 -65.19
CA ALA A 42 -8.06 -41.94 -64.96
C ALA A 42 -8.15 -42.28 -63.48
N GLU A 43 -8.51 -43.53 -63.18
CA GLU A 43 -8.66 -44.00 -61.80
C GLU A 43 -8.03 -45.38 -61.61
N LEU A 44 -7.75 -45.70 -60.34
CA LEU A 44 -7.25 -47.00 -59.94
C LEU A 44 -7.81 -47.33 -58.57
N TYR A 45 -8.00 -48.63 -58.31
CA TYR A 45 -8.59 -49.07 -57.06
C TYR A 45 -7.59 -49.60 -56.07
N SER A 46 -6.31 -49.37 -56.32
CA SER A 46 -5.26 -49.95 -55.50
C SER A 46 -3.94 -49.36 -55.97
N ASP A 47 -2.85 -49.89 -55.44
CA ASP A 47 -1.51 -49.41 -55.75
C ASP A 47 -0.79 -50.50 -56.54
N PRO A 48 -0.53 -50.26 -57.82
CA PRO A 48 0.18 -51.25 -58.63
C PRO A 48 1.66 -51.21 -58.34
N PRO A 49 2.29 -52.37 -58.19
CA PRO A 49 3.69 -52.40 -57.75
C PRO A 49 4.61 -51.88 -58.83
N GLY A 50 5.68 -51.23 -58.41
CA GLY A 50 6.67 -50.71 -59.32
C GLY A 50 6.41 -49.33 -59.88
N LEU A 51 5.39 -48.64 -59.39
CA LEU A 51 5.23 -47.25 -59.77
C LEU A 51 6.23 -46.39 -58.98
N THR A 52 6.75 -45.37 -59.64
CA THR A 52 7.81 -44.54 -59.08
C THR A 52 7.42 -43.07 -59.09
N PRO A 53 8.02 -42.26 -58.23
CA PRO A 53 7.77 -40.82 -58.33
C PRO A 53 8.39 -40.23 -59.59
N LEU A 54 9.17 -39.17 -59.45
CA LEU A 54 9.63 -38.39 -60.60
C LEU A 54 10.81 -37.57 -60.14
N PRO A 55 11.62 -37.06 -61.07
CA PRO A 55 12.87 -36.40 -60.65
C PRO A 55 12.66 -35.31 -59.61
N GLU A 56 11.54 -34.60 -59.66
CA GLU A 56 11.33 -33.46 -58.79
C GLU A 56 10.26 -33.69 -57.73
N GLU A 57 9.51 -34.79 -57.82
CA GLU A 57 8.48 -35.16 -56.84
C GLU A 57 9.04 -35.93 -55.65
N ALA A 58 10.08 -36.73 -55.86
CA ALA A 58 10.68 -37.56 -54.81
C ALA A 58 10.82 -36.84 -53.47
N PRO A 59 11.30 -35.59 -53.41
CA PRO A 59 11.43 -34.96 -52.09
C PRO A 59 10.09 -34.67 -51.44
N LEU A 60 9.05 -34.34 -52.21
CA LEU A 60 7.76 -34.05 -51.60
C LEU A 60 7.26 -35.22 -50.77
N ILE A 61 7.72 -36.43 -51.09
CA ILE A 61 7.27 -37.66 -50.45
C ILE A 61 8.40 -38.32 -49.67
N ALA A 62 9.54 -37.63 -49.51
CA ALA A 62 10.77 -38.30 -49.09
C ALA A 62 10.61 -39.01 -47.76
N ARG A 63 10.09 -38.31 -46.75
CA ARG A 63 9.96 -38.91 -45.42
C ARG A 63 8.50 -38.95 -44.99
N SER A 64 7.64 -39.54 -45.82
CA SER A 64 6.27 -39.83 -45.49
C SER A 64 6.06 -41.34 -45.42
N VAL A 65 5.10 -41.78 -44.61
CA VAL A 65 4.89 -43.21 -44.40
C VAL A 65 4.33 -43.84 -45.67
N ALA A 66 4.32 -45.17 -45.69
CA ALA A 66 4.06 -45.90 -46.93
C ALA A 66 2.70 -45.54 -47.51
N LYS A 67 1.67 -45.46 -46.67
CA LYS A 67 0.34 -45.17 -47.18
C LYS A 67 0.34 -43.88 -47.97
N ARG A 68 0.88 -42.83 -47.36
CA ARG A 68 0.96 -41.56 -48.06
C ARG A 68 1.78 -41.71 -49.33
N ARG A 69 2.88 -42.48 -49.24
CA ARG A 69 3.74 -42.71 -50.39
C ARG A 69 2.96 -43.27 -51.56
N ASN A 70 2.27 -44.38 -51.35
CA ASN A 70 1.68 -45.10 -52.46
C ASN A 70 0.52 -44.34 -53.09
N GLU A 71 -0.32 -43.70 -52.26
CA GLU A 71 -1.45 -42.97 -52.83
C GLU A 71 -0.95 -41.77 -53.61
N PHE A 72 0.15 -41.16 -53.15
CA PHE A 72 0.72 -40.03 -53.87
C PHE A 72 1.26 -40.45 -55.22
N ILE A 73 1.99 -41.57 -55.25
CA ILE A 73 2.52 -42.10 -56.50
C ILE A 73 1.38 -42.51 -57.43
N THR A 74 0.44 -43.31 -56.94
CA THR A 74 -0.61 -43.83 -57.81
C THR A 74 -1.47 -42.73 -58.44
N VAL A 75 -1.98 -41.75 -57.66
CA VAL A 75 -2.81 -40.74 -58.31
C VAL A 75 -1.98 -39.92 -59.29
N ARG A 76 -0.67 -39.79 -59.07
CA ARG A 76 0.08 -38.99 -60.02
C ARG A 76 0.36 -39.74 -61.31
N HIS A 77 0.36 -41.08 -61.23
CA HIS A 77 0.33 -41.91 -62.43
C HIS A 77 -1.00 -41.76 -63.17
N CYS A 78 -2.10 -41.78 -62.43
CA CYS A 78 -3.40 -41.60 -63.07
C CYS A 78 -3.45 -40.26 -63.80
N ALA A 79 -2.92 -39.22 -63.17
CA ALA A 79 -3.00 -37.89 -63.77
C ALA A 79 -2.22 -37.85 -65.09
N ARG A 80 -0.97 -38.33 -65.07
CA ARG A 80 -0.17 -38.29 -66.30
C ARG A 80 -0.81 -39.07 -67.44
N ILE A 81 -1.43 -40.22 -67.14
CA ILE A 81 -2.24 -40.92 -68.14
C ILE A 81 -3.26 -39.96 -68.74
N ALA A 82 -4.04 -39.32 -67.87
CA ALA A 82 -5.07 -38.41 -68.35
C ALA A 82 -4.44 -37.22 -69.07
N LEU A 83 -3.30 -36.72 -68.58
CA LEU A 83 -2.65 -35.62 -69.26
C LEU A 83 -2.12 -36.03 -70.63
N ASP A 84 -1.60 -37.26 -70.74
CA ASP A 84 -1.28 -37.84 -72.04
C ASP A 84 -2.50 -37.88 -72.96
N GLN A 85 -3.61 -38.44 -72.48
CA GLN A 85 -4.80 -38.53 -73.32
C GLN A 85 -5.27 -37.18 -73.84
N LEU A 86 -4.87 -36.07 -73.20
CA LEU A 86 -5.10 -34.72 -73.71
C LEU A 86 -3.91 -34.17 -74.49
N GLY A 87 -2.86 -34.96 -74.69
CA GLY A 87 -1.74 -34.57 -75.51
C GLY A 87 -0.65 -33.78 -74.82
N VAL A 88 -0.45 -33.99 -73.53
CA VAL A 88 0.45 -33.18 -72.72
C VAL A 88 1.59 -34.05 -72.20
N PRO A 89 2.84 -33.79 -72.60
CA PRO A 89 3.96 -34.63 -72.16
C PRO A 89 3.95 -34.82 -70.65
N PRO A 90 4.49 -35.94 -70.15
CA PRO A 90 4.53 -36.16 -68.70
C PRO A 90 5.48 -35.20 -68.01
N ALA A 91 5.12 -34.82 -66.79
CA ALA A 91 5.83 -33.80 -66.03
C ALA A 91 5.43 -33.92 -64.58
N PRO A 92 6.27 -33.43 -63.67
CA PRO A 92 5.93 -33.51 -62.24
C PRO A 92 4.72 -32.67 -61.86
N ILE A 93 3.88 -33.23 -61.00
CA ILE A 93 2.78 -32.49 -60.40
C ILE A 93 3.25 -32.19 -58.97
N LEU A 94 3.91 -31.05 -58.80
CA LEU A 94 4.30 -30.65 -57.46
C LEU A 94 3.09 -30.06 -56.73
N LYS A 95 3.28 -29.75 -55.45
CA LYS A 95 2.26 -29.11 -54.63
C LYS A 95 2.70 -27.69 -54.31
N GLY A 96 1.72 -26.76 -54.27
CA GLY A 96 1.96 -25.39 -53.85
C GLY A 96 1.63 -25.22 -52.38
N ASP A 97 2.01 -24.06 -51.84
CA ASP A 97 1.63 -23.78 -50.46
C ASP A 97 0.12 -23.81 -50.35
N LYS A 98 -0.38 -24.64 -49.44
CA LYS A 98 -1.80 -24.94 -49.27
C LYS A 98 -2.15 -26.24 -49.98
N GLY A 99 -1.14 -26.91 -50.53
CA GLY A 99 -1.29 -28.28 -50.97
C GLY A 99 -1.85 -28.50 -52.35
N GLU A 100 -2.22 -27.45 -53.06
CA GLU A 100 -2.86 -27.62 -54.37
C GLU A 100 -1.87 -28.21 -55.38
N PRO A 101 -2.32 -29.14 -56.20
CA PRO A 101 -1.45 -29.68 -57.26
C PRO A 101 -1.10 -28.61 -58.29
N CYS A 102 0.11 -28.71 -58.85
CA CYS A 102 0.62 -27.77 -59.84
C CYS A 102 0.60 -28.46 -61.20
N TRP A 103 -0.28 -28.01 -62.10
CA TRP A 103 -0.46 -28.55 -63.43
C TRP A 103 0.38 -27.80 -64.45
N PRO A 104 0.82 -28.49 -65.49
CA PRO A 104 1.50 -27.80 -66.60
C PRO A 104 0.61 -26.70 -67.14
N ASP A 105 1.24 -25.62 -67.60
CA ASP A 105 0.49 -24.44 -68.02
C ASP A 105 -0.53 -24.81 -69.08
N GLY A 106 -1.67 -24.12 -69.06
CA GLY A 106 -2.77 -24.42 -69.94
C GLY A 106 -3.72 -25.48 -69.43
N MET A 107 -3.31 -26.29 -68.46
CA MET A 107 -4.12 -27.37 -67.93
C MET A 107 -4.57 -27.06 -66.51
N VAL A 108 -5.64 -27.74 -66.12
CA VAL A 108 -6.09 -27.77 -64.74
C VAL A 108 -6.78 -29.11 -64.52
N GLY A 109 -7.14 -29.37 -63.27
CA GLY A 109 -7.60 -30.70 -62.90
C GLY A 109 -7.64 -30.85 -61.39
N SER A 110 -8.02 -32.05 -60.95
CA SER A 110 -8.08 -32.35 -59.53
C SER A 110 -7.67 -33.80 -59.27
N LEU A 111 -7.13 -34.04 -58.07
CA LEU A 111 -6.70 -35.35 -57.61
C LEU A 111 -7.48 -35.75 -56.36
N THR A 112 -7.67 -37.05 -56.17
CA THR A 112 -8.24 -37.58 -54.93
C THR A 112 -7.73 -39.00 -54.66
N HIS A 113 -7.55 -39.33 -53.36
CA HIS A 113 -7.24 -40.68 -52.93
C HIS A 113 -7.92 -40.97 -51.59
N CYS A 114 -8.33 -42.21 -51.42
CA CYS A 114 -8.82 -42.78 -50.18
C CYS A 114 -8.65 -44.28 -50.28
N ALA A 115 -8.88 -44.96 -49.15
CA ALA A 115 -8.99 -46.42 -49.17
C ALA A 115 -9.83 -46.90 -50.34
N GLY A 116 -9.17 -47.53 -51.31
CA GLY A 116 -9.83 -48.18 -52.43
C GLY A 116 -9.85 -47.40 -53.72
N TYR A 117 -9.35 -46.17 -53.75
CA TYR A 117 -9.57 -45.34 -54.91
C TYR A 117 -8.44 -44.33 -55.09
N ARG A 118 -8.05 -44.13 -56.34
CA ARG A 118 -7.16 -43.07 -56.76
C ARG A 118 -7.76 -42.45 -58.00
N GLY A 119 -7.87 -41.13 -58.02
CA GLY A 119 -8.55 -40.45 -59.10
C GLY A 119 -7.79 -39.23 -59.57
N ALA A 120 -7.92 -38.97 -60.86
CA ALA A 120 -7.41 -37.75 -61.48
C ALA A 120 -8.42 -37.33 -62.54
N VAL A 121 -8.76 -36.04 -62.56
CA VAL A 121 -9.51 -35.47 -63.67
C VAL A 121 -8.77 -34.22 -64.13
N VAL A 122 -8.57 -34.11 -65.44
CA VAL A 122 -7.81 -33.02 -66.01
C VAL A 122 -8.61 -32.39 -67.15
N GLY A 123 -8.46 -31.08 -67.30
CA GLY A 123 -9.13 -30.36 -68.36
C GLY A 123 -8.19 -29.34 -68.96
N ARG A 124 -8.53 -28.92 -70.19
CA ARG A 124 -7.90 -27.77 -70.81
C ARG A 124 -8.58 -26.49 -70.34
N ARG A 125 -7.78 -25.48 -70.03
CA ARG A 125 -8.27 -24.24 -69.44
C ARG A 125 -9.50 -23.71 -70.16
N ASP A 126 -9.37 -23.25 -71.40
CA ASP A 126 -10.43 -22.42 -71.95
C ASP A 126 -11.75 -23.16 -72.17
N ALA A 127 -11.81 -24.47 -71.91
CA ALA A 127 -13.08 -25.16 -71.88
C ALA A 127 -13.57 -25.41 -70.46
N VAL A 128 -12.63 -25.58 -69.54
CA VAL A 128 -12.92 -25.92 -68.14
C VAL A 128 -12.27 -24.85 -67.28
N ARG A 129 -13.10 -24.11 -66.52
CA ARG A 129 -12.56 -23.13 -65.58
C ARG A 129 -11.65 -23.80 -64.55
N SER A 130 -12.16 -24.82 -63.86
CA SER A 130 -11.33 -25.64 -63.00
C SER A 130 -12.10 -26.92 -62.66
N VAL A 131 -11.41 -27.83 -61.96
CA VAL A 131 -12.01 -29.11 -61.60
C VAL A 131 -11.86 -29.34 -60.10
N GLY A 132 -12.88 -29.99 -59.55
CA GLY A 132 -12.89 -30.43 -58.18
C GLY A 132 -13.50 -31.80 -58.14
N ILE A 133 -12.80 -32.77 -57.54
CA ILE A 133 -13.30 -34.11 -57.39
C ILE A 133 -12.95 -34.58 -55.99
N ASP A 134 -13.74 -35.51 -55.47
CA ASP A 134 -13.45 -36.12 -54.18
C ASP A 134 -14.07 -37.51 -54.13
N ALA A 135 -13.43 -38.38 -53.35
CA ALA A 135 -13.85 -39.76 -53.15
C ALA A 135 -13.77 -40.10 -51.67
N GLU A 136 -14.77 -40.81 -51.18
CA GLU A 136 -14.82 -41.29 -49.82
C GLU A 136 -15.36 -42.70 -49.82
N PRO A 137 -15.02 -43.54 -48.85
CA PRO A 137 -15.78 -44.78 -48.66
C PRO A 137 -17.21 -44.46 -48.28
N HIS A 138 -18.17 -45.15 -48.91
CA HIS A 138 -19.58 -44.86 -48.62
C HIS A 138 -19.90 -45.41 -47.24
N ASP A 139 -19.47 -44.69 -46.22
CA ASP A 139 -19.58 -45.13 -44.83
C ASP A 139 -20.04 -43.96 -43.97
N VAL A 140 -20.70 -44.30 -42.86
CA VAL A 140 -21.01 -43.28 -41.87
C VAL A 140 -19.76 -42.45 -41.59
N LEU A 141 -19.96 -41.19 -41.20
CA LEU A 141 -18.84 -40.37 -40.73
C LEU A 141 -18.47 -40.77 -39.30
N PRO A 142 -17.22 -40.56 -38.89
CA PRO A 142 -16.85 -40.75 -37.48
C PRO A 142 -17.50 -39.70 -36.61
N ASN A 143 -17.31 -39.87 -35.30
CA ASN A 143 -18.32 -39.46 -34.32
C ASN A 143 -18.62 -37.96 -34.37
N GLY A 144 -17.60 -37.12 -34.16
CA GLY A 144 -17.91 -35.72 -33.97
C GLY A 144 -17.94 -34.88 -35.24
N VAL A 145 -17.97 -35.54 -36.39
CA VAL A 145 -17.53 -34.88 -37.62
C VAL A 145 -18.68 -34.16 -38.34
N LEU A 146 -19.88 -34.72 -38.34
CA LEU A 146 -20.97 -34.17 -39.14
C LEU A 146 -21.43 -32.78 -38.66
N ASP A 147 -21.14 -32.38 -37.43
CA ASP A 147 -21.55 -31.04 -37.01
C ASP A 147 -20.49 -29.98 -37.28
N ALA A 148 -19.30 -30.37 -37.72
CA ALA A 148 -18.21 -29.44 -38.03
C ALA A 148 -18.09 -29.13 -39.51
N ILE A 149 -18.77 -29.86 -40.38
CA ILE A 149 -18.71 -29.60 -41.82
C ILE A 149 -20.06 -29.25 -42.39
N SER A 150 -21.13 -29.29 -41.57
CA SER A 150 -22.50 -29.12 -42.01
C SER A 150 -23.13 -27.91 -41.33
N LEU A 151 -23.95 -27.21 -42.09
CA LEU A 151 -24.78 -26.19 -41.49
C LEU A 151 -26.03 -26.81 -40.85
N PRO A 152 -26.60 -26.16 -39.84
CA PRO A 152 -27.86 -26.69 -39.28
C PRO A 152 -28.93 -26.84 -40.34
N ALA A 153 -28.98 -25.90 -41.29
CA ALA A 153 -29.88 -26.03 -42.42
C ALA A 153 -29.63 -27.34 -43.17
N GLU A 154 -28.42 -27.52 -43.70
CA GLU A 154 -28.05 -28.80 -44.29
C GLU A 154 -28.29 -29.95 -43.33
N ARG A 155 -27.88 -29.79 -42.06
CA ARG A 155 -27.93 -30.87 -41.10
C ARG A 155 -29.36 -31.32 -40.78
N ALA A 156 -30.37 -30.63 -41.31
CA ALA A 156 -31.76 -31.01 -41.11
C ALA A 156 -32.49 -31.34 -42.40
N ASP A 157 -32.10 -30.73 -43.53
CA ASP A 157 -32.82 -30.89 -44.78
C ASP A 157 -32.36 -32.12 -45.58
N MET A 158 -31.05 -32.31 -45.73
CA MET A 158 -30.50 -33.41 -46.52
C MET A 158 -31.20 -34.72 -46.19
N PRO A 159 -31.48 -34.98 -44.90
CA PRO A 159 -32.22 -36.20 -44.55
C PRO A 159 -33.46 -36.44 -45.40
N ARG A 160 -34.07 -35.38 -45.93
CA ARG A 160 -35.31 -35.47 -46.69
C ARG A 160 -35.09 -35.47 -48.20
N THR A 161 -33.91 -35.88 -48.67
CA THR A 161 -33.62 -35.89 -50.10
C THR A 161 -32.93 -37.14 -50.60
N MET A 162 -32.51 -38.06 -49.74
CA MET A 162 -31.79 -39.26 -50.15
C MET A 162 -32.30 -40.48 -49.40
N PRO A 163 -32.15 -41.67 -49.99
CA PRO A 163 -32.65 -42.88 -49.34
C PRO A 163 -31.84 -43.25 -48.11
N ALA A 164 -32.51 -43.95 -47.19
CA ALA A 164 -31.91 -44.35 -45.93
C ALA A 164 -30.59 -45.08 -46.14
N ALA A 165 -30.53 -45.98 -47.12
CA ALA A 165 -29.30 -46.70 -47.39
C ALA A 165 -28.15 -45.77 -47.73
N LEU A 166 -28.43 -44.52 -48.09
CA LEU A 166 -27.38 -43.55 -48.36
C LEU A 166 -26.85 -42.96 -47.05
N HIS A 167 -25.52 -43.00 -46.89
CA HIS A 167 -24.81 -42.28 -45.82
C HIS A 167 -24.65 -40.83 -46.29
N TRP A 168 -25.73 -40.07 -46.10
CA TRP A 168 -25.83 -38.73 -46.62
C TRP A 168 -24.84 -37.78 -45.96
N ASP A 169 -24.52 -37.99 -44.68
CA ASP A 169 -23.51 -37.16 -44.03
C ASP A 169 -22.17 -37.29 -44.74
N ARG A 170 -21.85 -38.50 -45.20
CA ARG A 170 -20.63 -38.69 -45.95
C ARG A 170 -20.72 -38.05 -47.33
N ILE A 171 -21.87 -38.17 -48.00
CA ILE A 171 -21.98 -37.49 -49.28
C ILE A 171 -21.78 -35.99 -49.08
N LEU A 172 -22.41 -35.42 -48.04
CA LEU A 172 -22.26 -34.00 -47.79
C LEU A 172 -20.79 -33.63 -47.61
N PHE A 173 -20.10 -34.34 -46.73
CA PHE A 173 -18.67 -34.12 -46.55
C PHE A 173 -17.93 -34.12 -47.89
N CYS A 174 -18.18 -35.15 -48.70
CA CYS A 174 -17.50 -35.32 -49.97
C CYS A 174 -17.76 -34.15 -50.91
N ALA A 175 -19.03 -33.74 -51.06
CA ALA A 175 -19.33 -32.59 -51.91
C ALA A 175 -18.70 -31.31 -51.38
N LYS A 176 -18.56 -31.17 -50.07
CA LYS A 176 -17.91 -29.99 -49.52
C LYS A 176 -16.50 -29.85 -50.07
N GLU A 177 -15.74 -30.95 -50.06
CA GLU A 177 -14.35 -30.90 -50.48
C GLU A 177 -14.20 -30.77 -51.98
N ALA A 178 -15.09 -31.36 -52.76
CA ALA A 178 -15.03 -31.08 -54.19
C ALA A 178 -15.20 -29.59 -54.42
N THR A 179 -16.14 -28.96 -53.70
CA THR A 179 -16.34 -27.51 -53.81
C THR A 179 -15.05 -26.77 -53.49
N TYR A 180 -14.47 -27.04 -52.34
CA TYR A 180 -13.19 -26.42 -52.00
C TYR A 180 -12.14 -26.65 -53.08
N LYS A 181 -12.02 -27.89 -53.60
CA LYS A 181 -10.96 -28.18 -54.56
C LYS A 181 -11.14 -27.41 -55.86
N ALA A 182 -12.39 -27.20 -56.28
CA ALA A 182 -12.63 -26.41 -57.48
C ALA A 182 -12.57 -24.93 -57.16
N TRP A 183 -12.92 -24.55 -55.94
CA TRP A 183 -12.95 -23.14 -55.60
C TRP A 183 -11.55 -22.55 -55.51
N PHE A 184 -10.57 -23.35 -55.08
CA PHE A 184 -9.31 -22.78 -54.62
C PHE A 184 -8.45 -22.23 -55.76
N PRO A 185 -8.07 -23.02 -56.76
CA PRO A 185 -7.24 -22.46 -57.83
C PRO A 185 -7.84 -21.22 -58.50
N LEU A 186 -9.11 -20.93 -58.26
CA LEU A 186 -9.76 -19.77 -58.87
C LEU A 186 -9.66 -18.51 -58.03
N THR A 187 -9.48 -18.66 -56.72
CA THR A 187 -9.49 -17.55 -55.79
C THR A 187 -8.34 -17.57 -54.81
N LYS A 188 -7.63 -18.70 -54.67
CA LYS A 188 -6.54 -18.86 -53.72
C LYS A 188 -6.93 -18.40 -52.31
N ARG A 189 -8.21 -18.44 -51.99
CA ARG A 189 -8.68 -18.03 -50.67
C ARG A 189 -9.31 -19.23 -49.96
N TRP A 190 -9.24 -19.22 -48.64
CA TRP A 190 -9.79 -20.31 -47.85
C TRP A 190 -11.31 -20.29 -47.95
N LEU A 191 -11.89 -21.48 -47.94
CA LEU A 191 -13.33 -21.66 -47.91
C LEU A 191 -13.63 -22.65 -46.80
N GLY A 192 -14.31 -22.19 -45.75
CA GLY A 192 -14.71 -23.09 -44.70
C GLY A 192 -15.95 -23.91 -45.05
N PHE A 193 -16.15 -24.98 -44.26
CA PHE A 193 -17.32 -25.81 -44.43
C PHE A 193 -18.62 -25.06 -44.17
N GLU A 194 -18.55 -23.95 -43.45
CA GLU A 194 -19.70 -23.07 -43.27
C GLU A 194 -19.75 -21.97 -44.31
N ASP A 195 -18.79 -21.90 -45.24
CA ASP A 195 -18.76 -20.87 -46.27
C ASP A 195 -19.51 -21.29 -47.53
N ALA A 196 -20.12 -22.46 -47.54
CA ALA A 196 -20.91 -22.85 -48.69
C ALA A 196 -22.05 -23.70 -48.20
N HIS A 197 -23.21 -23.45 -48.75
CA HIS A 197 -24.40 -24.22 -48.45
C HIS A 197 -24.71 -25.05 -49.68
N ILE A 198 -24.98 -26.34 -49.48
CA ILE A 198 -25.13 -27.29 -50.58
C ILE A 198 -26.48 -27.95 -50.46
N THR A 199 -27.18 -28.08 -51.58
CA THR A 199 -28.46 -28.76 -51.63
C THR A 199 -28.39 -29.91 -52.63
N PHE A 200 -29.06 -31.01 -52.29
CA PHE A 200 -29.01 -32.26 -53.04
C PHE A 200 -30.38 -32.66 -53.57
N GLU A 201 -30.36 -33.29 -54.74
CA GLU A 201 -31.49 -34.06 -55.24
C GLU A 201 -30.94 -35.38 -55.76
N THR A 202 -31.83 -36.36 -55.93
CA THR A 202 -31.43 -37.70 -56.32
C THR A 202 -32.15 -38.09 -57.60
N ASP A 203 -31.43 -38.75 -58.50
CA ASP A 203 -32.03 -39.33 -59.68
C ASP A 203 -32.87 -40.55 -59.29
N SER A 204 -33.75 -40.96 -60.20
CA SER A 204 -34.68 -42.05 -59.90
C SER A 204 -33.97 -43.30 -59.39
N THR A 205 -32.65 -43.39 -59.56
CA THR A 205 -31.94 -44.59 -59.16
C THR A 205 -31.82 -44.72 -57.65
N GLY A 206 -31.67 -43.61 -56.94
CA GLY A 206 -31.38 -43.67 -55.51
C GLY A 206 -29.91 -43.87 -55.19
N TRP A 207 -29.04 -43.76 -56.18
CA TRP A 207 -27.62 -43.91 -56.00
C TRP A 207 -26.79 -42.79 -56.61
N THR A 208 -27.32 -42.09 -57.61
CA THR A 208 -26.67 -40.95 -58.22
C THR A 208 -27.59 -39.73 -58.13
N GLY A 209 -27.01 -38.53 -58.24
CA GLY A 209 -27.84 -37.34 -58.32
C GLY A 209 -27.05 -36.06 -58.51
N ARG A 210 -27.66 -34.94 -58.12
CA ARG A 210 -27.12 -33.62 -58.36
C ARG A 210 -26.90 -32.87 -57.06
N PHE A 211 -25.95 -31.92 -57.05
CA PHE A 211 -25.83 -31.00 -55.92
C PHE A 211 -25.41 -29.61 -56.41
N VAL A 212 -25.72 -28.63 -55.56
CA VAL A 212 -25.48 -27.23 -55.85
C VAL A 212 -24.85 -26.57 -54.61
N SER A 213 -23.80 -25.79 -54.82
CA SER A 213 -22.99 -25.22 -53.75
C SER A 213 -23.09 -23.69 -53.80
N ARG A 214 -23.87 -23.09 -52.89
CA ARG A 214 -24.00 -21.63 -52.81
C ARG A 214 -22.91 -21.06 -51.91
N ILE A 215 -22.13 -20.13 -52.45
CA ILE A 215 -20.99 -19.58 -51.72
C ILE A 215 -21.47 -18.46 -50.80
N LEU A 216 -21.17 -18.59 -49.52
CA LEU A 216 -21.62 -17.64 -48.52
C LEU A 216 -20.60 -16.52 -48.24
N ILE A 217 -19.74 -16.19 -49.19
CA ILE A 217 -18.68 -15.20 -48.99
C ILE A 217 -18.25 -14.62 -50.33
N ASP A 218 -17.36 -13.64 -50.30
CA ASP A 218 -16.95 -13.01 -51.55
C ASP A 218 -16.39 -14.04 -52.55
N GLY A 219 -17.11 -14.23 -53.65
CA GLY A 219 -16.73 -15.13 -54.72
C GLY A 219 -15.64 -14.58 -55.62
N SER A 220 -15.05 -13.46 -55.22
CA SER A 220 -14.00 -12.84 -56.03
C SER A 220 -12.95 -13.87 -56.44
N THR A 221 -12.69 -13.93 -57.73
CA THR A 221 -11.71 -14.85 -58.30
C THR A 221 -10.45 -14.10 -58.68
N LEU A 222 -9.35 -14.84 -58.80
CA LEU A 222 -8.09 -14.25 -59.23
C LEU A 222 -8.22 -13.58 -60.59
N SER A 223 -9.25 -13.93 -61.36
CA SER A 223 -9.42 -13.37 -62.68
C SER A 223 -10.76 -13.81 -63.25
N GLY A 224 -11.64 -12.85 -63.55
CA GLY A 224 -12.93 -13.19 -64.11
C GLY A 224 -14.03 -13.08 -63.08
N PRO A 225 -15.22 -13.59 -63.42
CA PRO A 225 -16.40 -13.28 -62.62
C PRO A 225 -16.41 -14.09 -61.31
N PRO A 226 -17.08 -13.57 -60.29
CA PRO A 226 -17.02 -14.22 -58.98
C PRO A 226 -17.61 -15.62 -59.00
N LEU A 227 -17.34 -16.37 -57.93
CA LEU A 227 -17.86 -17.72 -57.72
C LEU A 227 -19.04 -17.62 -56.78
N THR A 228 -20.23 -17.98 -57.28
CA THR A 228 -21.42 -17.87 -56.46
C THR A 228 -22.06 -19.22 -56.19
N THR A 229 -22.32 -19.97 -57.26
CA THR A 229 -22.93 -21.29 -57.19
C THR A 229 -22.16 -22.27 -58.06
N LEU A 230 -21.85 -23.43 -57.47
CA LEU A 230 -21.13 -24.50 -58.15
C LEU A 230 -22.08 -25.68 -58.28
N ARG A 231 -22.38 -26.07 -59.52
CA ARG A 231 -23.14 -27.27 -59.76
C ARG A 231 -22.20 -28.45 -59.91
N GLY A 232 -22.64 -29.61 -59.44
CA GLY A 232 -21.80 -30.78 -59.50
C GLY A 232 -22.65 -32.03 -59.42
N ARG A 233 -21.97 -33.17 -59.49
CA ARG A 233 -22.59 -34.47 -59.49
C ARG A 233 -22.02 -35.31 -58.35
N TRP A 234 -22.88 -36.14 -57.77
CA TRP A 234 -22.47 -37.16 -56.83
C TRP A 234 -23.03 -38.51 -57.30
N SER A 235 -22.54 -39.55 -56.66
CA SER A 235 -22.82 -40.93 -57.07
C SER A 235 -22.31 -41.89 -56.02
N VAL A 236 -23.11 -42.84 -55.61
CA VAL A 236 -22.60 -43.94 -54.79
C VAL A 236 -22.38 -45.12 -55.73
N GLU A 237 -21.14 -45.63 -55.75
CA GLU A 237 -20.75 -46.57 -56.80
C GLU A 237 -19.64 -47.45 -56.26
N ARG A 238 -19.89 -48.78 -56.25
CA ARG A 238 -18.91 -49.76 -55.78
C ARG A 238 -18.46 -49.48 -54.34
N GLY A 239 -19.41 -49.11 -53.50
CA GLY A 239 -19.08 -48.74 -52.13
C GLY A 239 -18.28 -47.46 -51.93
N LEU A 240 -18.02 -46.68 -52.98
CA LEU A 240 -17.41 -45.37 -52.86
C LEU A 240 -18.45 -44.26 -53.04
N VAL A 241 -18.17 -43.10 -52.47
CA VAL A 241 -18.87 -41.86 -52.80
C VAL A 241 -17.99 -41.08 -53.74
N LEU A 242 -18.59 -40.59 -54.83
CA LEU A 242 -17.90 -39.77 -55.81
C LEU A 242 -18.60 -38.44 -55.99
N THR A 243 -17.83 -37.34 -55.97
CA THR A 243 -18.34 -36.02 -56.31
C THR A 243 -17.39 -35.33 -57.27
N ALA A 244 -17.95 -34.50 -58.16
CA ALA A 244 -17.16 -33.77 -59.13
C ALA A 244 -17.83 -32.43 -59.46
N ILE A 245 -17.02 -31.38 -59.41
CA ILE A 245 -17.36 -30.08 -59.96
C ILE A 245 -16.45 -29.86 -61.14
N VAL A 246 -17.02 -29.53 -62.28
CA VAL A 246 -16.22 -29.05 -63.40
C VAL A 246 -16.94 -27.83 -63.92
N LEU A 247 -16.23 -26.71 -64.02
CA LEU A 247 -16.83 -25.47 -64.43
C LEU A 247 -16.49 -25.19 -65.89
N VAL B 23 3.73 -11.21 7.40
CA VAL B 23 3.32 -10.14 6.49
C VAL B 23 4.44 -9.84 5.50
N GLY B 24 4.41 -10.55 4.38
CA GLY B 24 5.39 -10.33 3.32
C GLY B 24 5.28 -8.95 2.71
N THR B 25 6.30 -8.63 1.90
CA THR B 25 6.35 -7.33 1.21
C THR B 25 7.20 -7.40 -0.05
N LEU B 26 7.48 -8.57 -0.62
CA LEU B 26 8.31 -8.66 -1.82
C LEU B 26 7.76 -7.78 -2.95
N VAL B 27 6.45 -7.83 -3.18
CA VAL B 27 5.84 -7.09 -4.26
C VAL B 27 6.04 -5.58 -4.10
N ALA B 28 6.40 -5.15 -2.89
CA ALA B 28 6.60 -3.72 -2.63
C ALA B 28 7.82 -3.19 -3.37
N SER B 29 8.88 -4.00 -3.48
CA SER B 29 10.11 -3.62 -4.17
C SER B 29 9.87 -3.33 -5.65
N VAL B 30 8.64 -3.52 -6.13
CA VAL B 30 8.31 -3.17 -7.50
C VAL B 30 7.04 -2.35 -7.51
N LEU B 31 6.73 -1.69 -6.43
CA LEU B 31 5.62 -0.77 -6.51
C LEU B 31 6.11 0.65 -6.33
N PRO B 32 5.37 1.61 -6.77
CA PRO B 32 5.71 3.01 -6.46
C PRO B 32 5.33 3.31 -5.03
N ALA B 33 6.34 3.54 -4.18
CA ALA B 33 6.08 3.94 -2.81
C ALA B 33 5.39 5.29 -2.74
N THR B 34 5.46 6.10 -3.79
CA THR B 34 5.15 7.52 -3.64
C THR B 34 3.65 7.76 -3.52
N VAL B 35 2.84 7.10 -4.33
CA VAL B 35 1.39 7.18 -4.17
C VAL B 35 0.92 5.84 -3.66
N PHE B 36 1.50 5.41 -2.54
CA PHE B 36 1.38 4.06 -2.03
C PHE B 36 0.19 3.91 -1.07
N GLU B 37 -0.68 4.92 -0.97
CA GLU B 37 -1.81 4.83 -0.05
C GLU B 37 -3.18 4.85 -0.73
N ASP B 38 -3.26 5.13 -2.02
CA ASP B 38 -4.44 4.80 -2.81
C ASP B 38 -4.33 3.42 -3.43
N LEU B 39 -3.27 2.70 -3.12
CA LEU B 39 -2.96 1.41 -3.71
C LEU B 39 -2.56 0.49 -2.57
N ALA B 40 -3.06 -0.75 -2.62
CA ALA B 40 -2.89 -1.70 -1.52
C ALA B 40 -2.54 -3.09 -2.07
N TYR B 41 -1.87 -3.89 -1.25
CA TYR B 41 -1.37 -5.19 -1.71
C TYR B 41 -1.35 -6.19 -0.56
N ALA B 42 -0.94 -7.43 -0.89
CA ALA B 42 -0.99 -8.59 0.00
C ALA B 42 -0.45 -9.82 -0.71
N GLU B 43 0.36 -10.63 -0.01
CA GLU B 43 1.04 -11.77 -0.60
C GLU B 43 1.17 -12.90 0.42
N LEU B 44 1.23 -14.13 -0.10
CA LEU B 44 1.41 -15.32 0.69
C LEU B 44 2.34 -16.24 -0.06
N TYR B 45 3.12 -17.04 0.67
CA TYR B 45 4.06 -17.95 0.04
C TYR B 45 3.58 -19.42 0.06
N SER B 46 2.28 -19.63 0.21
CA SER B 46 1.76 -20.97 0.42
C SER B 46 0.25 -20.86 0.58
N ASP B 47 -0.41 -22.00 0.51
CA ASP B 47 -1.85 -22.02 0.70
C ASP B 47 -2.11 -22.36 2.15
N PRO B 48 -2.60 -21.43 2.97
CA PRO B 48 -2.95 -21.77 4.37
C PRO B 48 -4.20 -22.63 4.42
N PRO B 49 -4.14 -23.75 5.14
CA PRO B 49 -5.35 -24.57 5.31
C PRO B 49 -6.41 -23.77 6.07
N GLY B 50 -7.66 -24.03 5.72
CA GLY B 50 -8.77 -23.28 6.24
C GLY B 50 -9.35 -22.27 5.28
N LEU B 51 -8.74 -22.10 4.11
CA LEU B 51 -9.26 -21.11 3.17
C LEU B 51 -10.37 -21.71 2.33
N THR B 52 -11.39 -20.89 2.09
CA THR B 52 -12.63 -21.19 1.40
C THR B 52 -12.92 -20.09 0.39
N PRO B 53 -13.58 -20.42 -0.71
CA PRO B 53 -14.13 -19.39 -1.59
C PRO B 53 -15.48 -18.88 -1.10
N LEU B 54 -15.86 -17.71 -1.61
CA LEU B 54 -17.21 -17.23 -1.41
C LEU B 54 -18.16 -18.09 -2.23
N PRO B 55 -19.45 -18.08 -1.89
CA PRO B 55 -20.40 -18.89 -2.68
C PRO B 55 -20.35 -18.61 -4.17
N GLU B 56 -20.15 -17.36 -4.59
CA GLU B 56 -20.10 -17.05 -6.02
C GLU B 56 -18.87 -17.62 -6.71
N GLU B 57 -17.80 -17.88 -5.98
CA GLU B 57 -16.56 -18.34 -6.57
C GLU B 57 -16.43 -19.85 -6.58
N ALA B 58 -17.25 -20.56 -5.80
CA ALA B 58 -17.10 -22.01 -5.71
C ALA B 58 -17.25 -22.71 -7.06
N PRO B 59 -18.20 -22.34 -7.92
CA PRO B 59 -18.31 -23.05 -9.20
C PRO B 59 -17.09 -22.85 -10.10
N LEU B 60 -16.53 -21.64 -10.15
CA LEU B 60 -15.40 -21.37 -11.03
C LEU B 60 -14.25 -22.35 -10.83
N ILE B 61 -14.22 -23.07 -9.71
CA ILE B 61 -13.16 -24.04 -9.43
C ILE B 61 -13.81 -25.34 -9.00
N ALA B 62 -14.97 -25.65 -9.57
CA ALA B 62 -15.72 -26.81 -9.13
C ALA B 62 -15.12 -28.09 -9.69
N ARG B 63 -14.61 -28.06 -10.92
CA ARG B 63 -14.03 -29.22 -11.57
C ARG B 63 -12.52 -29.08 -11.74
N SER B 64 -11.89 -28.16 -11.01
CA SER B 64 -10.46 -27.94 -11.12
C SER B 64 -9.70 -28.81 -10.13
N VAL B 65 -8.39 -28.94 -10.36
CA VAL B 65 -7.53 -29.84 -9.60
C VAL B 65 -7.02 -29.14 -8.34
N ALA B 66 -6.22 -29.87 -7.56
CA ALA B 66 -5.67 -29.41 -6.30
C ALA B 66 -5.00 -28.05 -6.43
N LYS B 67 -3.82 -28.03 -7.05
CA LYS B 67 -3.06 -26.79 -7.14
C LYS B 67 -3.93 -25.64 -7.63
N ARG B 68 -4.81 -25.89 -8.60
CA ARG B 68 -5.55 -24.80 -9.20
C ARG B 68 -6.45 -24.12 -8.20
N ARG B 69 -7.25 -24.90 -7.46
CA ARG B 69 -8.21 -24.29 -6.55
C ARG B 69 -7.51 -23.69 -5.33
N ASN B 70 -6.43 -24.31 -4.85
CA ASN B 70 -5.66 -23.70 -3.77
C ASN B 70 -5.14 -22.33 -4.18
N GLU B 71 -4.46 -22.28 -5.33
CA GLU B 71 -3.96 -21.00 -5.86
C GLU B 71 -5.08 -19.99 -6.00
N PHE B 72 -6.18 -20.42 -6.61
CA PHE B 72 -7.33 -19.56 -6.80
C PHE B 72 -7.85 -19.02 -5.47
N ILE B 73 -7.94 -19.87 -4.44
CA ILE B 73 -8.49 -19.46 -3.16
C ILE B 73 -7.52 -18.54 -2.43
N THR B 74 -6.24 -18.88 -2.36
CA THR B 74 -5.33 -18.05 -1.58
C THR B 74 -5.25 -16.62 -2.13
N VAL B 75 -5.17 -16.48 -3.47
CA VAL B 75 -4.99 -15.15 -4.06
C VAL B 75 -6.24 -14.29 -3.95
N ARG B 76 -7.41 -14.89 -3.84
CA ARG B 76 -8.60 -14.09 -3.60
C ARG B 76 -8.77 -13.75 -2.12
N HIS B 77 -8.20 -14.56 -1.22
CA HIS B 77 -7.98 -14.13 0.15
C HIS B 77 -7.04 -12.93 0.22
N CYS B 78 -5.89 -13.03 -0.44
CA CYS B 78 -4.98 -11.90 -0.52
C CYS B 78 -5.68 -10.66 -1.07
N ALA B 79 -6.37 -10.82 -2.20
CA ALA B 79 -7.03 -9.67 -2.82
C ALA B 79 -8.03 -8.99 -1.86
N ARG B 80 -8.68 -9.78 -0.99
CA ARG B 80 -9.67 -9.17 -0.11
C ARG B 80 -9.02 -8.46 1.09
N ILE B 81 -7.95 -9.03 1.66
CA ILE B 81 -7.12 -8.25 2.60
C ILE B 81 -6.82 -6.87 2.01
N ALA B 82 -6.39 -6.84 0.75
CA ALA B 82 -5.96 -5.59 0.14
C ALA B 82 -7.13 -4.63 -0.04
N LEU B 83 -8.23 -5.13 -0.61
CA LEU B 83 -9.42 -4.30 -0.81
C LEU B 83 -9.97 -3.78 0.52
N ASP B 84 -9.88 -4.61 1.56
CA ASP B 84 -10.27 -4.18 2.90
C ASP B 84 -9.41 -3.03 3.39
N GLN B 85 -8.09 -3.11 3.20
CA GLN B 85 -7.22 -2.01 3.57
C GLN B 85 -7.56 -0.71 2.85
N LEU B 86 -8.38 -0.77 1.80
CA LEU B 86 -8.83 0.39 1.05
C LEU B 86 -10.26 0.79 1.39
N GLY B 87 -10.85 0.17 2.41
CA GLY B 87 -12.23 0.42 2.77
C GLY B 87 -13.23 -0.45 2.06
N VAL B 88 -12.80 -1.16 1.02
CA VAL B 88 -13.68 -1.92 0.15
C VAL B 88 -14.08 -3.23 0.82
N PRO B 89 -15.35 -3.38 1.20
CA PRO B 89 -15.77 -4.57 1.95
C PRO B 89 -15.57 -5.84 1.14
N PRO B 90 -15.68 -7.00 1.78
CA PRO B 90 -15.37 -8.26 1.08
C PRO B 90 -16.48 -8.61 0.09
N ALA B 91 -16.06 -9.21 -1.03
CA ALA B 91 -16.97 -9.49 -2.14
C ALA B 91 -16.35 -10.46 -3.13
N PRO B 92 -17.15 -11.29 -3.80
CA PRO B 92 -16.59 -12.27 -4.72
C PRO B 92 -15.76 -11.59 -5.80
N ILE B 93 -14.82 -12.35 -6.37
CA ILE B 93 -13.96 -11.87 -7.44
C ILE B 93 -14.04 -12.91 -8.55
N LEU B 94 -15.01 -12.76 -9.43
CA LEU B 94 -15.18 -13.72 -10.50
C LEU B 94 -14.25 -13.38 -11.68
N LYS B 95 -14.25 -14.26 -12.66
CA LYS B 95 -13.43 -14.07 -13.85
C LYS B 95 -14.33 -13.76 -15.03
N GLY B 96 -13.89 -12.83 -15.88
CA GLY B 96 -14.66 -12.41 -17.02
C GLY B 96 -14.34 -13.23 -18.25
N ASP B 97 -14.88 -12.78 -19.38
CA ASP B 97 -14.39 -13.30 -20.65
C ASP B 97 -12.90 -12.99 -20.74
N LYS B 98 -12.14 -13.93 -21.30
CA LYS B 98 -10.69 -13.77 -21.46
C LYS B 98 -9.93 -13.89 -20.15
N GLY B 99 -10.62 -14.14 -19.04
CA GLY B 99 -9.97 -14.50 -17.79
C GLY B 99 -9.74 -13.36 -16.83
N GLU B 100 -10.10 -12.13 -17.20
CA GLU B 100 -9.84 -10.95 -16.36
C GLU B 100 -10.63 -10.99 -15.05
N PRO B 101 -9.95 -10.91 -13.90
CA PRO B 101 -10.69 -10.76 -12.65
C PRO B 101 -11.67 -9.62 -12.72
N CYS B 102 -12.76 -9.76 -11.98
CA CYS B 102 -13.79 -8.74 -11.87
C CYS B 102 -13.68 -8.11 -10.49
N TRP B 103 -13.41 -6.72 -10.42
CA TRP B 103 -13.20 -5.92 -9.22
C TRP B 103 -14.45 -5.10 -8.88
N PRO B 104 -14.72 -4.88 -7.60
CA PRO B 104 -15.82 -3.98 -7.23
C PRO B 104 -15.67 -2.66 -7.96
N ASP B 105 -16.80 -2.10 -8.39
CA ASP B 105 -16.76 -0.87 -9.16
C ASP B 105 -15.96 0.18 -8.40
N GLY B 106 -15.17 0.95 -9.14
CA GLY B 106 -14.25 1.89 -8.54
C GLY B 106 -12.86 1.36 -8.27
N MET B 107 -12.67 0.04 -8.31
CA MET B 107 -11.40 -0.56 -7.95
C MET B 107 -10.78 -1.30 -9.13
N VAL B 108 -9.46 -1.23 -9.23
CA VAL B 108 -8.68 -2.01 -10.18
C VAL B 108 -7.61 -2.79 -9.41
N GLY B 109 -6.98 -3.75 -10.09
CA GLY B 109 -5.93 -4.51 -9.44
C GLY B 109 -5.44 -5.64 -10.33
N SER B 110 -4.55 -6.46 -9.77
CA SER B 110 -4.05 -7.62 -10.49
C SER B 110 -3.79 -8.78 -9.51
N LEU B 111 -3.85 -10.00 -10.06
CA LEU B 111 -3.57 -11.23 -9.33
C LEU B 111 -2.45 -12.00 -10.03
N THR B 112 -1.61 -12.67 -9.23
CA THR B 112 -0.62 -13.60 -9.77
C THR B 112 -0.43 -14.79 -8.81
N HIS B 113 -0.23 -16.00 -9.36
CA HIS B 113 0.19 -17.17 -8.59
C HIS B 113 1.17 -18.06 -9.36
N CYS B 114 2.29 -18.39 -8.73
CA CYS B 114 3.19 -19.44 -9.18
C CYS B 114 3.57 -20.31 -7.99
N ALA B 115 4.52 -21.20 -8.23
CA ALA B 115 5.11 -21.97 -7.15
C ALA B 115 5.93 -21.03 -6.24
N GLY B 116 5.51 -20.95 -4.98
CA GLY B 116 6.20 -20.13 -4.00
C GLY B 116 5.50 -18.84 -3.67
N TYR B 117 4.47 -18.45 -4.42
CA TYR B 117 3.95 -17.11 -4.31
C TYR B 117 2.49 -17.03 -4.75
N ARG B 118 1.72 -16.25 -3.97
CA ARG B 118 0.43 -15.69 -4.37
C ARG B 118 0.48 -14.20 -4.07
N GLY B 119 -0.06 -13.40 -4.98
CA GLY B 119 -0.04 -11.96 -4.83
C GLY B 119 -1.28 -11.29 -5.38
N ALA B 120 -1.66 -10.19 -4.73
CA ALA B 120 -2.70 -9.30 -5.24
C ALA B 120 -2.31 -7.86 -4.95
N VAL B 121 -2.58 -6.98 -5.91
CA VAL B 121 -2.39 -5.53 -5.80
C VAL B 121 -3.65 -4.86 -6.33
N VAL B 122 -4.16 -3.87 -5.60
CA VAL B 122 -5.41 -3.21 -5.99
C VAL B 122 -5.28 -1.71 -5.76
N GLY B 123 -5.98 -0.95 -6.59
CA GLY B 123 -5.95 0.48 -6.49
C GLY B 123 -7.33 1.06 -6.68
N ARG B 124 -7.45 2.35 -6.40
CA ARG B 124 -8.67 3.10 -6.68
C ARG B 124 -8.60 3.70 -8.07
N ARG B 125 -9.71 3.56 -8.81
CA ARG B 125 -9.77 4.02 -10.19
C ARG B 125 -9.34 5.47 -10.34
N ASP B 126 -9.58 6.31 -9.33
CA ASP B 126 -9.37 7.74 -9.47
C ASP B 126 -7.90 8.13 -9.47
N ALA B 127 -7.00 7.23 -9.05
CA ALA B 127 -5.56 7.49 -9.06
C ALA B 127 -4.75 6.47 -9.84
N VAL B 128 -5.34 5.33 -10.23
CA VAL B 128 -4.65 4.24 -10.91
C VAL B 128 -5.53 3.80 -12.07
N ARG B 129 -5.07 4.03 -13.30
CA ARG B 129 -5.86 3.53 -14.43
C ARG B 129 -5.94 2.01 -14.43
N SER B 130 -4.88 1.34 -13.99
CA SER B 130 -4.77 -0.09 -14.19
C SER B 130 -3.56 -0.59 -13.40
N VAL B 131 -3.66 -1.84 -12.93
CA VAL B 131 -2.52 -2.53 -12.34
C VAL B 131 -2.22 -3.76 -13.18
N GLY B 132 -0.94 -4.14 -13.19
CA GLY B 132 -0.55 -5.39 -13.81
C GLY B 132 0.65 -5.95 -13.08
N ILE B 133 0.55 -7.18 -12.56
CA ILE B 133 1.63 -7.76 -11.79
C ILE B 133 1.86 -9.19 -12.26
N ASP B 134 3.05 -9.71 -11.97
CA ASP B 134 3.31 -11.10 -12.30
C ASP B 134 4.53 -11.60 -11.51
N ALA B 135 4.45 -12.87 -11.11
CA ALA B 135 5.53 -13.53 -10.40
C ALA B 135 5.89 -14.83 -11.11
N GLU B 136 7.18 -15.10 -11.20
CA GLU B 136 7.64 -16.37 -11.73
C GLU B 136 8.76 -16.85 -10.84
N PRO B 137 8.95 -18.16 -10.74
CA PRO B 137 10.22 -18.66 -10.17
C PRO B 137 11.39 -18.16 -10.98
N HIS B 138 12.41 -17.64 -10.27
CA HIS B 138 13.62 -17.15 -10.95
C HIS B 138 14.44 -18.33 -11.42
N ASP B 139 14.06 -18.86 -12.58
CA ASP B 139 14.69 -20.03 -13.20
C ASP B 139 14.73 -19.82 -14.71
N VAL B 140 15.59 -20.59 -15.39
CA VAL B 140 15.56 -20.54 -16.85
C VAL B 140 14.16 -20.90 -17.33
N LEU B 141 13.74 -20.28 -18.43
CA LEU B 141 12.54 -20.76 -19.12
C LEU B 141 12.78 -22.18 -19.57
N PRO B 142 11.72 -22.94 -19.84
CA PRO B 142 11.91 -24.21 -20.55
C PRO B 142 12.30 -23.98 -22.01
N ASN B 143 12.95 -24.99 -22.58
CA ASN B 143 13.44 -24.87 -23.94
C ASN B 143 12.31 -24.47 -24.88
N GLY B 144 12.61 -23.52 -25.77
CA GLY B 144 11.68 -23.11 -26.80
C GLY B 144 10.74 -21.99 -26.45
N VAL B 145 10.71 -21.56 -25.19
CA VAL B 145 9.82 -20.46 -24.83
C VAL B 145 10.48 -19.12 -25.13
N LEU B 146 11.75 -18.95 -24.78
CA LEU B 146 12.41 -17.67 -25.02
C LEU B 146 12.14 -17.15 -26.42
N ASP B 147 12.20 -18.02 -27.42
CA ASP B 147 12.02 -17.57 -28.78
C ASP B 147 10.57 -17.28 -29.14
N ALA B 148 9.62 -17.78 -28.35
CA ALA B 148 8.23 -17.52 -28.64
C ALA B 148 7.75 -16.20 -28.03
N ILE B 149 8.35 -15.78 -26.91
CA ILE B 149 7.89 -14.61 -26.18
C ILE B 149 8.78 -13.40 -26.40
N SER B 150 9.88 -13.53 -27.15
CA SER B 150 10.82 -12.43 -27.32
C SER B 150 10.88 -11.99 -28.77
N LEU B 151 11.26 -10.73 -28.97
CA LEU B 151 11.56 -10.20 -30.29
C LEU B 151 13.05 -10.32 -30.58
N PRO B 152 13.42 -10.24 -31.85
CA PRO B 152 14.85 -10.22 -32.19
C PRO B 152 15.64 -9.17 -31.42
N ALA B 153 15.13 -7.95 -31.33
CA ALA B 153 15.88 -6.89 -30.66
C ALA B 153 15.98 -7.15 -29.16
N GLU B 154 14.86 -7.45 -28.51
CA GLU B 154 14.91 -7.86 -27.11
C GLU B 154 15.86 -9.03 -26.90
N ARG B 155 15.83 -10.02 -27.80
CA ARG B 155 16.53 -11.27 -27.55
C ARG B 155 18.05 -11.07 -27.57
N ALA B 156 18.54 -10.25 -28.47
CA ALA B 156 19.97 -9.98 -28.59
C ALA B 156 20.41 -8.73 -27.85
N ASP B 157 19.48 -8.04 -27.18
CA ASP B 157 19.77 -6.81 -26.46
C ASP B 157 19.84 -7.04 -24.95
N MET B 158 18.78 -7.58 -24.37
CA MET B 158 18.72 -7.75 -22.92
C MET B 158 19.94 -8.45 -22.33
N PRO B 159 20.45 -9.54 -22.92
CA PRO B 159 21.53 -10.30 -22.26
C PRO B 159 22.73 -9.47 -21.88
N ARG B 160 22.82 -8.22 -22.34
CA ARG B 160 23.89 -7.31 -21.95
C ARG B 160 23.43 -6.27 -20.94
N THR B 161 22.26 -6.46 -20.34
CA THR B 161 21.74 -5.55 -19.33
C THR B 161 21.82 -6.11 -17.91
N MET B 162 22.15 -7.38 -17.74
CA MET B 162 21.99 -8.03 -16.45
C MET B 162 23.11 -9.01 -16.19
N PRO B 163 23.39 -9.29 -14.92
CA PRO B 163 24.46 -10.23 -14.57
C PRO B 163 24.21 -11.63 -15.13
N ALA B 164 25.32 -12.34 -15.40
CA ALA B 164 25.25 -13.68 -15.98
C ALA B 164 24.30 -14.57 -15.19
N ALA B 165 24.52 -14.67 -13.88
CA ALA B 165 23.68 -15.49 -13.00
C ALA B 165 22.43 -14.68 -12.65
N LEU B 166 21.52 -14.61 -13.61
CA LEU B 166 20.29 -13.84 -13.50
C LEU B 166 19.45 -14.15 -14.73
N HIS B 167 18.43 -14.98 -14.58
CA HIS B 167 17.71 -15.53 -15.74
C HIS B 167 16.88 -14.42 -16.39
N TRP B 168 17.57 -13.65 -17.24
CA TRP B 168 16.94 -12.54 -17.94
C TRP B 168 15.78 -13.00 -18.80
N ASP B 169 15.87 -14.20 -19.39
CA ASP B 169 14.75 -14.72 -20.17
C ASP B 169 13.50 -14.82 -19.29
N ARG B 170 13.65 -15.37 -18.09
CA ARG B 170 12.49 -15.41 -17.21
C ARG B 170 12.01 -14.02 -16.86
N ILE B 171 12.94 -13.09 -16.62
CA ILE B 171 12.51 -11.72 -16.31
C ILE B 171 11.70 -11.17 -17.48
N LEU B 172 12.15 -11.41 -18.70
CA LEU B 172 11.47 -10.85 -19.86
C LEU B 172 10.06 -11.39 -19.97
N PHE B 173 9.88 -12.66 -19.66
CA PHE B 173 8.56 -13.26 -19.77
C PHE B 173 7.64 -12.68 -18.69
N CYS B 174 8.10 -12.67 -17.44
CA CYS B 174 7.45 -11.97 -16.33
C CYS B 174 6.97 -10.57 -16.72
N ALA B 175 7.87 -9.72 -17.26
CA ALA B 175 7.50 -8.36 -17.66
C ALA B 175 6.51 -8.34 -18.82
N LYS B 176 6.61 -9.29 -19.75
CA LYS B 176 5.60 -9.38 -20.81
C LYS B 176 4.20 -9.61 -20.22
N GLU B 177 4.08 -10.44 -19.20
CA GLU B 177 2.76 -10.78 -18.69
C GLU B 177 2.20 -9.67 -17.79
N ALA B 178 3.06 -8.99 -17.04
CA ALA B 178 2.58 -7.80 -16.33
C ALA B 178 2.03 -6.78 -17.33
N THR B 179 2.73 -6.60 -18.46
CA THR B 179 2.24 -5.71 -19.51
C THR B 179 0.85 -6.13 -19.98
N TYR B 180 0.69 -7.39 -20.39
CA TYR B 180 -0.63 -7.81 -20.86
C TYR B 180 -1.69 -7.59 -19.78
N LYS B 181 -1.33 -7.84 -18.52
CA LYS B 181 -2.31 -7.75 -17.46
C LYS B 181 -2.74 -6.33 -17.21
N ALA B 182 -1.81 -5.37 -17.33
CA ALA B 182 -2.19 -3.96 -17.22
C ALA B 182 -2.92 -3.49 -18.46
N TRP B 183 -2.62 -4.09 -19.61
CA TRP B 183 -3.15 -3.62 -20.87
C TRP B 183 -4.59 -4.03 -21.09
N PHE B 184 -4.92 -5.30 -20.83
CA PHE B 184 -6.24 -5.80 -21.20
C PHE B 184 -7.38 -5.00 -20.59
N PRO B 185 -7.46 -4.80 -19.28
CA PRO B 185 -8.61 -4.06 -18.73
C PRO B 185 -8.80 -2.69 -19.32
N LEU B 186 -7.79 -2.10 -19.92
CA LEU B 186 -7.94 -0.77 -20.52
C LEU B 186 -8.37 -0.81 -21.99
N THR B 187 -8.33 -1.98 -22.62
CA THR B 187 -8.65 -2.14 -24.04
C THR B 187 -9.45 -3.37 -24.35
N LYS B 188 -9.35 -4.41 -23.54
CA LYS B 188 -10.02 -5.68 -23.84
C LYS B 188 -9.68 -6.17 -25.24
N ARG B 189 -8.52 -5.79 -25.74
CA ARG B 189 -8.00 -6.32 -27.00
C ARG B 189 -6.84 -7.26 -26.71
N TRP B 190 -6.62 -8.21 -27.62
CA TRP B 190 -5.49 -9.12 -27.47
C TRP B 190 -4.19 -8.36 -27.58
N LEU B 191 -3.22 -8.74 -26.78
CA LEU B 191 -1.87 -8.20 -26.90
C LEU B 191 -0.91 -9.38 -26.84
N GLY B 192 -0.38 -9.76 -28.00
CA GLY B 192 0.54 -10.87 -28.06
C GLY B 192 1.97 -10.49 -27.68
N PHE B 193 2.80 -11.51 -27.50
CA PHE B 193 4.19 -11.25 -27.11
C PHE B 193 4.92 -10.47 -28.18
N GLU B 194 4.61 -10.72 -29.45
CA GLU B 194 5.23 -9.98 -30.53
C GLU B 194 4.79 -8.51 -30.57
N ASP B 195 3.81 -8.13 -29.76
CA ASP B 195 3.12 -6.85 -29.88
C ASP B 195 3.64 -5.80 -28.91
N ALA B 196 4.71 -6.10 -28.18
CA ALA B 196 5.31 -5.12 -27.28
C ALA B 196 6.81 -5.36 -27.21
N HIS B 197 7.57 -4.28 -27.34
CA HIS B 197 9.01 -4.30 -27.19
C HIS B 197 9.34 -3.75 -25.80
N ILE B 198 10.19 -4.47 -25.06
CA ILE B 198 10.51 -4.12 -23.69
C ILE B 198 12.02 -3.95 -23.55
N THR B 199 12.44 -2.81 -23.00
CA THR B 199 13.84 -2.52 -22.69
C THR B 199 14.04 -2.51 -21.19
N PHE B 200 15.20 -3.00 -20.72
CA PHE B 200 15.49 -3.18 -19.30
C PHE B 200 16.69 -2.35 -18.84
N GLU B 201 16.64 -1.92 -17.58
CA GLU B 201 17.77 -1.33 -16.86
C GLU B 201 17.98 -2.07 -15.56
N THR B 202 19.15 -1.92 -14.96
CA THR B 202 19.47 -2.67 -13.76
C THR B 202 20.03 -1.74 -12.70
N ASP B 203 19.55 -1.91 -11.47
CA ASP B 203 20.06 -1.15 -10.33
C ASP B 203 21.53 -1.50 -10.05
N SER B 204 22.10 -0.72 -9.15
CA SER B 204 23.41 -1.02 -8.61
C SER B 204 23.44 -2.41 -8.00
N THR B 205 22.42 -2.75 -7.22
CA THR B 205 22.40 -4.02 -6.52
C THR B 205 22.67 -5.19 -7.46
N GLY B 206 22.07 -5.17 -8.64
CA GLY B 206 22.13 -6.31 -9.53
C GLY B 206 20.97 -7.26 -9.39
N TRP B 207 19.96 -6.89 -8.63
CA TRP B 207 18.80 -7.74 -8.45
C TRP B 207 17.50 -7.05 -8.83
N THR B 208 17.54 -5.78 -9.19
CA THR B 208 16.33 -4.99 -9.24
C THR B 208 16.56 -3.85 -10.21
N GLY B 209 15.49 -3.43 -10.89
CA GLY B 209 15.57 -2.29 -11.78
C GLY B 209 14.25 -1.92 -12.41
N ARG B 210 14.31 -1.28 -13.59
CA ARG B 210 13.13 -0.80 -14.29
C ARG B 210 13.02 -1.43 -15.68
N PHE B 211 11.79 -1.48 -16.19
CA PHE B 211 11.58 -1.78 -17.61
C PHE B 211 10.52 -0.86 -18.21
N VAL B 212 10.58 -0.72 -19.53
CA VAL B 212 9.63 0.09 -20.27
C VAL B 212 9.13 -0.71 -21.49
N SER B 213 7.80 -0.74 -21.67
CA SER B 213 7.12 -1.59 -22.64
C SER B 213 6.52 -0.73 -23.76
N ARG B 214 7.14 -0.75 -24.94
CA ARG B 214 6.62 -0.03 -26.10
C ARG B 214 5.60 -0.89 -26.84
N ILE B 215 4.43 -0.31 -27.12
CA ILE B 215 3.32 -1.02 -27.75
C ILE B 215 3.40 -0.85 -29.26
N LEU B 216 3.69 -1.94 -29.97
CA LEU B 216 3.84 -1.89 -31.42
C LEU B 216 2.52 -1.61 -32.11
N ILE B 217 1.44 -2.22 -31.66
CA ILE B 217 0.14 -2.09 -32.31
C ILE B 217 -0.63 -0.91 -31.73
N ASP B 218 -1.77 -0.60 -32.34
CA ASP B 218 -2.56 0.54 -31.90
C ASP B 218 -2.96 0.41 -30.44
N GLY B 219 -2.61 1.42 -29.65
CA GLY B 219 -2.91 1.40 -28.24
C GLY B 219 -4.23 2.03 -27.86
N SER B 220 -5.25 1.93 -28.73
CA SER B 220 -6.55 2.52 -28.43
C SER B 220 -7.11 1.96 -27.13
N THR B 221 -7.47 2.84 -26.21
CA THR B 221 -8.10 2.42 -24.96
C THR B 221 -9.61 2.60 -25.05
N LEU B 222 -10.32 1.71 -24.37
CA LEU B 222 -11.77 1.85 -24.27
C LEU B 222 -12.16 3.20 -23.68
N SER B 223 -11.27 3.80 -22.87
CA SER B 223 -11.50 5.12 -22.30
C SER B 223 -10.18 5.86 -22.18
N GLY B 224 -10.19 7.13 -22.59
CA GLY B 224 -9.07 8.00 -22.33
C GLY B 224 -7.94 7.82 -23.31
N PRO B 225 -6.74 8.27 -22.93
CA PRO B 225 -5.63 8.33 -23.88
C PRO B 225 -5.07 6.96 -24.17
N PRO B 226 -4.78 6.66 -25.43
CA PRO B 226 -4.31 5.31 -25.80
C PRO B 226 -3.01 4.95 -25.08
N LEU B 227 -2.71 3.64 -25.08
CA LEU B 227 -1.52 3.09 -24.43
C LEU B 227 -0.40 2.98 -25.44
N THR B 228 0.72 3.66 -25.18
CA THR B 228 1.92 3.59 -25.99
C THR B 228 3.07 2.90 -25.28
N THR B 229 3.31 3.29 -24.04
CA THR B 229 4.50 2.89 -23.31
C THR B 229 4.09 2.63 -21.87
N LEU B 230 4.45 1.46 -21.35
CA LEU B 230 4.15 1.08 -19.97
C LEU B 230 5.45 1.02 -19.20
N ARG B 231 5.59 1.89 -18.21
CA ARG B 231 6.73 1.82 -17.31
C ARG B 231 6.37 0.90 -16.15
N GLY B 232 7.33 0.06 -15.77
CA GLY B 232 7.13 -0.87 -14.68
C GLY B 232 8.43 -1.20 -14.01
N ARG B 233 8.33 -2.01 -12.94
CA ARG B 233 9.43 -2.36 -12.07
C ARG B 233 9.61 -3.88 -12.01
N TRP B 234 10.87 -4.33 -11.97
CA TRP B 234 11.16 -5.75 -11.82
C TRP B 234 12.18 -5.94 -10.70
N SER B 235 12.14 -7.12 -10.09
CA SER B 235 13.02 -7.46 -8.99
C SER B 235 13.17 -8.96 -8.90
N VAL B 236 14.34 -9.38 -8.44
CA VAL B 236 14.59 -10.77 -8.07
C VAL B 236 14.68 -10.80 -6.55
N GLU B 237 13.86 -11.66 -5.92
CA GLU B 237 13.57 -11.49 -4.50
C GLU B 237 13.16 -12.84 -3.92
N ARG B 238 13.98 -13.39 -3.03
CA ARG B 238 13.71 -14.70 -2.41
C ARG B 238 13.45 -15.77 -3.47
N GLY B 239 14.27 -15.77 -4.53
CA GLY B 239 14.16 -16.73 -5.61
C GLY B 239 12.96 -16.57 -6.53
N LEU B 240 12.22 -15.47 -6.39
CA LEU B 240 11.11 -15.15 -7.28
C LEU B 240 11.48 -13.96 -8.18
N VAL B 241 10.90 -13.93 -9.39
CA VAL B 241 10.89 -12.75 -10.24
C VAL B 241 9.56 -12.05 -10.05
N LEU B 242 9.61 -10.75 -9.72
CA LEU B 242 8.42 -9.94 -9.53
C LEU B 242 8.44 -8.78 -10.53
N THR B 243 7.33 -8.57 -11.23
CA THR B 243 7.16 -7.41 -12.11
C THR B 243 5.81 -6.75 -11.84
N ALA B 244 5.74 -5.45 -12.03
CA ALA B 244 4.56 -4.69 -11.65
C ALA B 244 4.51 -3.44 -12.49
N ILE B 245 3.35 -3.18 -13.08
CA ILE B 245 3.08 -1.93 -13.77
C ILE B 245 1.95 -1.24 -13.05
N VAL B 246 2.16 0.01 -12.68
CA VAL B 246 1.12 0.85 -12.09
C VAL B 246 0.96 2.02 -13.04
N LEU B 247 -0.23 2.19 -13.58
CA LEU B 247 -0.45 3.30 -14.48
C LEU B 247 -1.14 4.45 -13.73
N VAL C 23 -23.74 -11.43 20.95
CA VAL C 23 -24.26 -10.07 21.15
C VAL C 23 -23.71 -9.14 20.07
N GLY C 24 -22.58 -8.51 20.36
CA GLY C 24 -21.95 -7.58 19.43
C GLY C 24 -20.77 -6.86 20.07
N THR C 25 -19.59 -7.10 19.54
CA THR C 25 -18.35 -6.56 20.12
C THR C 25 -17.98 -5.26 19.42
N LEU C 26 -17.99 -4.14 20.16
CA LEU C 26 -17.72 -2.83 19.57
C LEU C 26 -16.30 -2.76 18.99
N VAL C 27 -15.37 -3.52 19.55
CA VAL C 27 -13.97 -3.40 19.13
C VAL C 27 -13.72 -4.15 17.83
N ALA C 28 -14.56 -5.11 17.47
CA ALA C 28 -14.39 -5.84 16.23
C ALA C 28 -14.73 -5.00 15.00
N SER C 29 -15.55 -3.95 15.13
CA SER C 29 -15.83 -3.09 13.98
C SER C 29 -14.61 -2.30 13.54
N VAL C 30 -13.61 -2.14 14.40
CA VAL C 30 -12.40 -1.40 14.05
C VAL C 30 -11.21 -2.35 13.86
N LEU C 31 -11.47 -3.59 13.74
CA LEU C 31 -10.39 -4.55 13.57
C LEU C 31 -10.40 -5.16 12.17
N PRO C 32 -9.24 -5.45 11.60
CA PRO C 32 -9.22 -6.11 10.29
C PRO C 32 -10.10 -7.34 10.27
N ALA C 33 -10.05 -8.18 11.31
CA ALA C 33 -11.00 -9.28 11.45
C ALA C 33 -10.74 -10.41 10.46
N THR C 34 -9.97 -10.13 9.42
CA THR C 34 -9.52 -11.18 8.52
C THR C 34 -8.19 -11.76 8.94
N VAL C 35 -7.31 -10.94 9.53
CA VAL C 35 -6.00 -11.37 9.99
C VAL C 35 -6.03 -11.50 11.50
N PHE C 36 -6.65 -12.57 12.01
CA PHE C 36 -6.81 -12.76 13.44
C PHE C 36 -6.38 -14.15 13.89
N GLU C 37 -5.48 -14.79 13.15
CA GLU C 37 -4.93 -16.07 13.61
C GLU C 37 -4.15 -15.87 14.91
N ASP C 38 -3.47 -14.74 15.04
CA ASP C 38 -2.68 -14.39 16.21
C ASP C 38 -3.16 -13.08 16.83
N LEU C 39 -4.42 -12.73 16.59
CA LEU C 39 -5.03 -11.54 17.15
C LEU C 39 -6.19 -11.98 18.03
N ALA C 40 -6.35 -11.29 19.17
CA ALA C 40 -7.42 -11.62 20.11
C ALA C 40 -7.80 -10.39 20.93
N TYR C 41 -9.07 -10.37 21.35
CA TYR C 41 -9.70 -9.20 21.94
C TYR C 41 -10.83 -9.63 22.86
N ALA C 42 -11.15 -8.74 23.82
CA ALA C 42 -12.19 -8.96 24.80
C ALA C 42 -12.59 -7.63 25.45
N GLU C 43 -13.89 -7.44 25.69
CA GLU C 43 -14.34 -6.14 26.16
C GLU C 43 -15.53 -6.30 27.10
N LEU C 44 -15.79 -5.24 27.84
CA LEU C 44 -16.81 -5.20 28.87
C LEU C 44 -17.34 -3.79 28.98
N TYR C 45 -18.63 -3.66 29.25
CA TYR C 45 -19.23 -2.34 29.40
C TYR C 45 -19.39 -1.95 30.86
N SER C 46 -18.92 -2.79 31.77
CA SER C 46 -19.15 -2.59 33.19
C SER C 46 -18.07 -3.32 33.97
N ASP C 47 -18.01 -3.03 35.26
CA ASP C 47 -17.13 -3.76 36.15
C ASP C 47 -17.88 -4.97 36.67
N PRO C 48 -17.42 -6.19 36.39
CA PRO C 48 -18.06 -7.36 36.99
C PRO C 48 -17.70 -7.46 38.46
N PRO C 49 -18.62 -7.90 39.30
CA PRO C 49 -18.41 -7.80 40.75
C PRO C 49 -17.54 -8.94 41.25
N GLY C 50 -16.63 -8.60 42.19
CA GLY C 50 -15.81 -9.60 42.82
C GLY C 50 -14.46 -9.83 42.19
N LEU C 51 -14.25 -9.36 40.95
CA LEU C 51 -12.93 -9.44 40.35
C LEU C 51 -11.88 -8.76 41.21
N THR C 52 -10.67 -9.31 41.18
CA THR C 52 -9.54 -8.79 41.95
C THR C 52 -8.32 -8.70 41.08
N PRO C 53 -7.31 -7.94 41.50
CA PRO C 53 -6.05 -7.89 40.75
C PRO C 53 -5.19 -9.11 41.07
N LEU C 54 -4.19 -9.30 40.27
CA LEU C 54 -3.29 -10.37 40.70
C LEU C 54 -2.26 -9.82 41.67
N PRO C 55 -1.80 -10.67 42.62
CA PRO C 55 -0.85 -10.23 43.66
C PRO C 55 0.19 -9.22 43.19
N GLU C 56 0.86 -9.51 42.08
CA GLU C 56 1.98 -8.67 41.65
C GLU C 56 1.50 -7.31 41.13
N GLU C 57 0.29 -7.26 40.57
CA GLU C 57 -0.22 -6.01 40.05
C GLU C 57 -1.05 -5.23 41.08
N ALA C 58 -1.35 -5.82 42.23
CA ALA C 58 -2.12 -5.14 43.26
C ALA C 58 -1.40 -3.95 43.86
N PRO C 59 -0.07 -3.86 43.80
CA PRO C 59 0.59 -2.63 44.29
C PRO C 59 0.41 -1.44 43.36
N LEU C 60 0.16 -1.65 42.07
CA LEU C 60 -0.05 -0.54 41.15
C LEU C 60 -1.34 0.24 41.45
N ILE C 61 -2.26 -0.34 42.20
CA ILE C 61 -3.56 0.27 42.48
C ILE C 61 -3.83 0.32 43.97
N ALA C 62 -2.82 0.02 44.79
CA ALA C 62 -3.02 -0.05 46.23
C ALA C 62 -3.53 1.27 46.77
N ARG C 63 -2.83 2.36 46.45
CA ARG C 63 -3.25 3.69 46.85
C ARG C 63 -3.93 4.37 45.66
N SER C 64 -5.12 3.87 45.31
CA SER C 64 -5.86 4.41 44.16
C SER C 64 -7.34 4.47 44.46
N VAL C 65 -7.97 5.54 44.00
CA VAL C 65 -9.42 5.69 44.07
C VAL C 65 -10.09 4.43 43.54
N ALA C 66 -11.33 4.18 43.97
CA ALA C 66 -12.02 2.96 43.56
C ALA C 66 -12.35 2.98 42.08
N LYS C 67 -12.82 4.12 41.56
CA LYS C 67 -13.06 4.24 40.13
C LYS C 67 -11.84 3.77 39.34
N ARG C 68 -10.67 4.34 39.64
CA ARG C 68 -9.44 3.91 38.97
C ARG C 68 -9.16 2.43 39.22
N ARG C 69 -9.50 1.91 40.41
CA ARG C 69 -9.21 0.52 40.74
C ARG C 69 -9.99 -0.44 39.84
N ASN C 70 -11.26 -0.13 39.58
CA ASN C 70 -12.11 -1.06 38.84
C ASN C 70 -11.77 -1.08 37.36
N GLU C 71 -11.46 0.09 36.77
CA GLU C 71 -11.10 0.08 35.37
C GLU C 71 -9.80 -0.71 35.16
N PHE C 72 -8.83 -0.54 36.07
CA PHE C 72 -7.57 -1.27 36.01
C PHE C 72 -7.79 -2.78 36.12
N ILE C 73 -8.63 -3.21 37.06
CA ILE C 73 -8.87 -4.63 37.27
C ILE C 73 -9.69 -5.20 36.11
N THR C 74 -10.74 -4.49 35.72
CA THR C 74 -11.60 -5.01 34.67
C THR C 74 -10.82 -5.19 33.36
N VAL C 75 -10.01 -4.19 32.95
CA VAL C 75 -9.32 -4.30 31.67
C VAL C 75 -8.29 -5.40 31.70
N ARG C 76 -7.67 -5.64 32.84
CA ARG C 76 -6.73 -6.73 32.94
C ARG C 76 -7.43 -8.09 32.99
N HIS C 77 -8.70 -8.11 33.43
CA HIS C 77 -9.56 -9.26 33.22
C HIS C 77 -9.82 -9.48 31.74
N CYS C 78 -10.28 -8.44 31.04
CA CYS C 78 -10.46 -8.55 29.58
C CYS C 78 -9.17 -9.02 28.92
N ALA C 79 -8.04 -8.40 29.27
CA ALA C 79 -6.78 -8.79 28.66
C ALA C 79 -6.50 -10.27 28.89
N ARG C 80 -6.69 -10.74 30.13
CA ARG C 80 -6.39 -12.13 30.43
C ARG C 80 -7.33 -13.08 29.71
N ILE C 81 -8.61 -12.71 29.54
CA ILE C 81 -9.52 -13.52 28.72
C ILE C 81 -8.94 -13.75 27.33
N ALA C 82 -8.37 -12.70 26.72
CA ALA C 82 -7.89 -12.81 25.35
C ALA C 82 -6.47 -13.38 25.30
N LEU C 83 -5.59 -12.94 26.20
CA LEU C 83 -4.24 -13.48 26.22
C LEU C 83 -4.24 -15.00 26.33
N ASP C 84 -5.28 -15.55 26.99
CA ASP C 84 -5.43 -17.01 27.12
C ASP C 84 -5.85 -17.62 25.79
N GLN C 85 -6.73 -16.96 25.04
CA GLN C 85 -7.12 -17.51 23.76
C GLN C 85 -5.92 -17.74 22.85
N LEU C 86 -4.86 -16.94 23.02
CA LEU C 86 -3.65 -17.05 22.19
C LEU C 86 -2.65 -18.08 22.74
N GLY C 87 -2.95 -18.71 23.87
CA GLY C 87 -2.12 -19.77 24.41
C GLY C 87 -1.33 -19.38 25.65
N VAL C 88 -1.24 -18.11 25.99
CA VAL C 88 -0.36 -17.71 27.09
C VAL C 88 -1.10 -17.92 28.41
N PRO C 89 -0.50 -18.55 29.41
CA PRO C 89 -1.19 -18.75 30.68
C PRO C 89 -1.40 -17.42 31.39
N PRO C 90 -2.46 -17.29 32.20
CA PRO C 90 -2.71 -16.01 32.89
C PRO C 90 -1.52 -15.56 33.72
N ALA C 91 -1.27 -14.26 33.72
CA ALA C 91 -0.03 -13.69 34.24
C ALA C 91 -0.22 -12.18 34.46
N PRO C 92 0.64 -11.57 35.27
CA PRO C 92 0.45 -10.16 35.60
C PRO C 92 0.71 -9.27 34.40
N ILE C 93 -0.01 -8.15 34.36
CA ILE C 93 0.20 -7.15 33.34
C ILE C 93 0.62 -5.87 34.04
N LEU C 94 1.92 -5.76 34.34
CA LEU C 94 2.39 -4.58 35.06
C LEU C 94 2.54 -3.40 34.10
N LYS C 95 3.43 -2.46 34.45
CA LYS C 95 3.53 -1.24 33.66
C LYS C 95 4.97 -0.77 33.60
N GLY C 96 5.43 -0.42 32.41
CA GLY C 96 6.72 0.21 32.26
C GLY C 96 6.63 1.67 32.61
N ASP C 97 7.80 2.29 32.71
CA ASP C 97 7.82 3.74 32.90
C ASP C 97 7.11 4.40 31.72
N LYS C 98 6.26 5.37 32.03
CA LYS C 98 5.43 6.13 31.09
C LYS C 98 4.15 5.37 30.77
N GLY C 99 3.92 4.23 31.39
CA GLY C 99 2.59 3.68 31.49
C GLY C 99 2.29 2.51 30.59
N GLU C 100 3.16 2.18 29.63
CA GLU C 100 2.83 1.14 28.68
C GLU C 100 2.73 -0.22 29.37
N PRO C 101 1.79 -1.06 28.97
CA PRO C 101 1.67 -2.40 29.56
C PRO C 101 2.90 -3.25 29.29
N CYS C 102 3.12 -4.23 30.14
CA CYS C 102 4.21 -5.18 29.98
C CYS C 102 3.57 -6.53 29.66
N TRP C 103 3.47 -6.84 28.37
CA TRP C 103 2.93 -8.12 27.96
C TRP C 103 3.99 -9.20 28.10
N PRO C 104 3.57 -10.46 28.20
CA PRO C 104 4.54 -11.56 28.19
C PRO C 104 5.41 -11.53 26.94
N ASP C 105 6.60 -12.13 27.04
CA ASP C 105 7.57 -12.11 25.96
C ASP C 105 6.92 -12.52 24.64
N GLY C 106 7.25 -11.80 23.58
CA GLY C 106 6.69 -12.11 22.27
C GLY C 106 5.22 -11.84 22.12
N MET C 107 4.60 -11.08 23.03
CA MET C 107 3.21 -10.69 22.91
C MET C 107 3.13 -9.16 22.84
N VAL C 108 2.07 -8.68 22.21
CA VAL C 108 1.79 -7.25 22.17
C VAL C 108 0.30 -7.03 22.38
N GLY C 109 -0.07 -5.78 22.63
CA GLY C 109 -1.47 -5.46 22.78
C GLY C 109 -1.63 -4.05 23.32
N SER C 110 -2.89 -3.69 23.57
CA SER C 110 -3.15 -2.45 24.28
C SER C 110 -4.51 -2.56 24.96
N LEU C 111 -4.69 -1.74 25.99
CA LEU C 111 -5.89 -1.62 26.80
C LEU C 111 -6.49 -0.23 26.63
N THR C 112 -7.74 -0.08 27.05
CA THR C 112 -8.41 1.20 27.02
C THR C 112 -9.57 1.16 28.01
N HIS C 113 -9.74 2.22 28.79
CA HIS C 113 -10.93 2.30 29.62
C HIS C 113 -11.46 3.72 29.59
N CYS C 114 -12.78 3.84 29.42
CA CYS C 114 -13.49 5.09 29.62
C CYS C 114 -14.83 4.78 30.27
N ALA C 115 -15.59 5.84 30.55
CA ALA C 115 -16.95 5.65 31.02
C ALA C 115 -17.68 4.68 30.10
N GLY C 116 -18.07 3.55 30.65
CA GLY C 116 -18.90 2.62 29.93
C GLY C 116 -18.20 1.61 29.09
N TYR C 117 -16.87 1.52 29.17
CA TYR C 117 -16.16 0.60 28.28
C TYR C 117 -14.82 0.19 28.87
N ARG C 118 -14.54 -1.10 28.83
CA ARG C 118 -13.19 -1.60 29.03
C ARG C 118 -12.86 -2.56 27.90
N GLY C 119 -11.60 -2.53 27.44
CA GLY C 119 -11.23 -3.26 26.24
C GLY C 119 -9.77 -3.65 26.17
N ALA C 120 -9.51 -4.89 25.71
CA ALA C 120 -8.15 -5.34 25.46
C ALA C 120 -8.07 -5.99 24.09
N VAL C 121 -6.96 -5.74 23.40
CA VAL C 121 -6.63 -6.38 22.13
C VAL C 121 -5.18 -6.82 22.22
N VAL C 122 -4.93 -8.07 21.88
CA VAL C 122 -3.61 -8.66 22.04
C VAL C 122 -3.30 -9.48 20.80
N GLY C 123 -2.09 -9.34 20.30
CA GLY C 123 -1.63 -10.12 19.17
C GLY C 123 -0.38 -10.91 19.52
N ARG C 124 -0.04 -11.84 18.63
CA ARG C 124 1.21 -12.57 18.68
C ARG C 124 2.32 -11.72 18.09
N ARG C 125 3.50 -11.77 18.70
CA ARG C 125 4.61 -10.91 18.24
C ARG C 125 4.92 -11.16 16.77
N ASP C 126 4.99 -12.43 16.35
CA ASP C 126 5.45 -12.74 15.00
C ASP C 126 4.57 -12.09 13.92
N ALA C 127 3.28 -11.93 14.18
CA ALA C 127 2.34 -11.50 13.15
C ALA C 127 2.02 -10.01 13.18
N VAL C 128 2.32 -9.30 14.27
CA VAL C 128 1.77 -7.98 14.53
C VAL C 128 2.88 -7.12 15.15
N ARG C 129 3.22 -6.00 14.52
CA ARG C 129 4.26 -5.13 15.07
C ARG C 129 3.86 -4.55 16.42
N SER C 130 2.64 -4.01 16.53
CA SER C 130 2.12 -3.56 17.80
C SER C 130 0.64 -3.24 17.61
N VAL C 131 -0.06 -3.04 18.73
CA VAL C 131 -1.46 -2.69 18.72
C VAL C 131 -1.66 -1.39 19.48
N GLY C 132 -2.45 -0.49 18.90
CA GLY C 132 -3.01 0.63 19.62
C GLY C 132 -4.52 0.72 19.46
N ILE C 133 -5.26 0.79 20.57
CA ILE C 133 -6.70 0.98 20.54
C ILE C 133 -7.09 2.02 21.56
N ASP C 134 -8.24 2.64 21.34
CA ASP C 134 -8.73 3.70 22.23
C ASP C 134 -10.25 3.75 22.17
N ALA C 135 -10.88 3.99 23.32
CA ALA C 135 -12.33 4.20 23.42
C ALA C 135 -12.60 5.58 24.02
N GLU C 136 -13.61 6.26 23.50
CA GLU C 136 -14.04 7.55 24.03
C GLU C 136 -15.55 7.62 24.04
N PRO C 137 -16.14 8.31 24.99
CA PRO C 137 -17.56 8.65 24.86
C PRO C 137 -17.74 9.52 23.62
N HIS C 138 -18.84 9.27 22.89
CA HIS C 138 -19.11 10.06 21.68
C HIS C 138 -19.87 11.33 22.06
N ASP C 139 -19.13 12.29 22.62
CA ASP C 139 -19.62 13.64 22.77
C ASP C 139 -18.49 14.60 22.43
N VAL C 140 -18.82 15.90 22.43
CA VAL C 140 -17.84 16.93 22.05
C VAL C 140 -16.71 17.02 23.07
N LEU C 141 -15.56 17.54 22.63
CA LEU C 141 -14.43 17.70 23.53
C LEU C 141 -14.64 18.93 24.41
N PRO C 142 -14.29 18.85 25.69
CA PRO C 142 -14.30 20.07 26.53
C PRO C 142 -13.64 21.25 25.83
N ASN C 143 -13.81 22.46 26.38
CA ASN C 143 -13.69 23.69 25.60
C ASN C 143 -12.36 23.80 24.86
N GLY C 144 -11.25 23.75 25.59
CA GLY C 144 -9.95 24.02 25.01
C GLY C 144 -9.19 22.83 24.47
N VAL C 145 -9.79 21.64 24.47
CA VAL C 145 -9.01 20.47 24.10
C VAL C 145 -8.75 20.43 22.60
N LEU C 146 -9.71 20.83 21.78
CA LEU C 146 -9.57 20.65 20.34
C LEU C 146 -8.29 21.30 19.83
N ASP C 147 -8.00 22.51 20.28
CA ASP C 147 -6.84 23.23 19.79
C ASP C 147 -5.52 22.61 20.27
N ALA C 148 -5.53 21.99 21.45
CA ALA C 148 -4.33 21.33 21.95
C ALA C 148 -3.99 20.05 21.20
N ILE C 149 -4.98 19.35 20.62
CA ILE C 149 -4.72 18.03 20.04
C ILE C 149 -4.73 18.02 18.51
N SER C 150 -5.08 19.11 17.87
CA SER C 150 -5.25 19.11 16.42
C SER C 150 -4.30 20.09 15.76
N LEU C 151 -4.04 19.84 14.49
CA LEU C 151 -3.29 20.75 13.63
C LEU C 151 -4.27 21.66 12.89
N PRO C 152 -3.74 22.72 12.27
CA PRO C 152 -4.63 23.55 11.42
C PRO C 152 -5.25 22.78 10.29
N ALA C 153 -4.51 21.93 9.60
CA ALA C 153 -5.10 21.20 8.48
C ALA C 153 -6.23 20.28 8.94
N GLU C 154 -6.12 19.71 10.15
CA GLU C 154 -7.15 18.80 10.62
C GLU C 154 -8.46 19.55 10.90
N ARG C 155 -8.38 20.66 11.64
CA ARG C 155 -9.60 21.38 11.95
C ARG C 155 -10.28 21.86 10.68
N ALA C 156 -9.50 22.02 9.59
CA ALA C 156 -10.02 22.62 8.37
C ALA C 156 -10.68 21.62 7.44
N ASP C 157 -10.28 20.35 7.52
CA ASP C 157 -10.68 19.29 6.59
C ASP C 157 -11.65 18.30 7.19
N MET C 158 -11.42 17.87 8.44
CA MET C 158 -12.24 16.82 9.04
C MET C 158 -13.72 17.11 8.98
N PRO C 159 -14.22 18.23 9.51
CA PRO C 159 -15.65 18.54 9.36
C PRO C 159 -16.12 18.46 7.91
N ARG C 160 -15.33 19.03 7.00
CA ARG C 160 -15.71 19.07 5.58
C ARG C 160 -16.12 17.71 5.03
N THR C 161 -15.49 16.63 5.46
CA THR C 161 -15.73 15.31 4.88
C THR C 161 -16.08 14.27 5.94
N MET C 162 -16.78 14.66 7.01
CA MET C 162 -17.33 13.73 7.97
C MET C 162 -18.77 14.11 8.28
N PRO C 163 -19.65 13.13 8.42
CA PRO C 163 -21.10 13.43 8.52
C PRO C 163 -21.44 14.22 9.78
N ALA C 164 -22.65 14.79 9.75
CA ALA C 164 -23.05 15.78 10.75
C ALA C 164 -23.31 15.16 12.11
N ALA C 165 -23.74 13.91 12.17
CA ALA C 165 -24.12 13.29 13.44
C ALA C 165 -22.92 12.90 14.29
N LEU C 166 -21.70 13.16 13.84
CA LEU C 166 -20.50 12.72 14.54
C LEU C 166 -19.84 13.89 15.24
N HIS C 167 -19.13 13.56 16.32
CA HIS C 167 -18.25 14.51 16.99
C HIS C 167 -16.84 14.28 16.46
N TRP C 168 -16.53 14.95 15.35
CA TRP C 168 -15.27 14.69 14.68
C TRP C 168 -14.07 15.11 15.53
N ASP C 169 -14.20 16.14 16.37
CA ASP C 169 -13.11 16.48 17.26
C ASP C 169 -12.80 15.32 18.21
N ARG C 170 -13.85 14.72 18.77
CA ARG C 170 -13.68 13.57 19.65
C ARG C 170 -13.09 12.38 18.89
N ILE C 171 -13.61 12.10 17.71
CA ILE C 171 -13.00 11.05 16.90
C ILE C 171 -11.52 11.33 16.68
N LEU C 172 -11.16 12.58 16.36
CA LEU C 172 -9.74 12.91 16.17
C LEU C 172 -8.93 12.65 17.43
N PHE C 173 -9.38 13.16 18.56
CA PHE C 173 -8.67 12.90 19.81
C PHE C 173 -8.50 11.40 20.01
N CYS C 174 -9.55 10.63 19.73
CA CYS C 174 -9.50 9.18 19.88
C CYS C 174 -8.43 8.55 18.99
N ALA C 175 -8.32 9.02 17.75
CA ALA C 175 -7.36 8.41 16.83
C ALA C 175 -5.91 8.79 17.14
N LYS C 176 -5.65 10.01 17.63
CA LYS C 176 -4.29 10.34 18.07
C LYS C 176 -3.80 9.39 19.18
N GLU C 177 -4.67 9.02 20.10
CA GLU C 177 -4.24 8.15 21.19
C GLU C 177 -3.97 6.71 20.74
N ALA C 178 -4.86 6.13 19.92
CA ALA C 178 -4.50 4.87 19.28
C ALA C 178 -3.13 5.00 18.60
N THR C 179 -2.94 6.06 17.83
CA THR C 179 -1.66 6.32 17.21
C THR C 179 -0.53 6.25 18.23
N TYR C 180 -0.63 7.08 19.29
CA TYR C 180 0.40 7.05 20.32
C TYR C 180 0.58 5.65 20.88
N LYS C 181 -0.52 4.93 21.13
CA LYS C 181 -0.42 3.65 21.81
C LYS C 181 0.34 2.63 20.98
N ALA C 182 0.23 2.72 19.66
CA ALA C 182 0.91 1.78 18.77
C ALA C 182 2.30 2.27 18.41
N TRP C 183 2.52 3.56 18.56
CA TRP C 183 3.83 4.16 18.28
C TRP C 183 4.83 3.81 19.38
N PHE C 184 4.42 3.89 20.64
CA PHE C 184 5.41 3.99 21.72
C PHE C 184 6.14 2.69 21.98
N PRO C 185 5.46 1.54 22.12
CA PRO C 185 6.19 0.28 22.28
C PRO C 185 7.36 0.16 21.30
N LEU C 186 7.22 0.77 20.13
CA LEU C 186 8.20 0.60 19.08
C LEU C 186 9.26 1.70 19.06
N THR C 187 8.90 2.95 19.35
CA THR C 187 9.93 3.99 19.45
C THR C 187 10.42 4.20 20.88
N LYS C 188 9.59 3.93 21.88
CA LYS C 188 9.87 4.31 23.26
C LYS C 188 10.07 5.82 23.42
N ARG C 189 9.79 6.60 22.36
CA ARG C 189 9.88 8.05 22.37
C ARG C 189 8.49 8.66 22.36
N TRP C 190 8.36 9.81 23.03
CA TRP C 190 7.08 10.50 23.14
C TRP C 190 6.63 11.05 21.78
N LEU C 191 5.37 10.79 21.44
CA LEU C 191 4.74 11.33 20.25
C LEU C 191 3.86 12.51 20.65
N GLY C 192 4.16 13.69 20.14
CA GLY C 192 3.27 14.81 20.38
C GLY C 192 1.98 14.74 19.58
N PHE C 193 0.94 15.43 20.09
CA PHE C 193 -0.30 15.60 19.34
C PHE C 193 -0.06 16.28 17.99
N GLU C 194 0.72 17.35 17.97
CA GLU C 194 1.04 18.03 16.72
C GLU C 194 2.19 17.37 15.99
N ASP C 195 2.45 16.09 16.24
CA ASP C 195 3.50 15.36 15.55
C ASP C 195 2.96 14.30 14.61
N ALA C 196 1.63 14.23 14.45
CA ALA C 196 1.03 13.30 13.52
C ALA C 196 -0.22 13.92 12.90
N HIS C 197 -0.24 13.98 11.59
CA HIS C 197 -1.41 14.44 10.87
C HIS C 197 -2.29 13.24 10.57
N ILE C 198 -3.55 13.30 11.01
CA ILE C 198 -4.52 12.25 10.73
C ILE C 198 -5.57 12.78 9.78
N THR C 199 -5.85 12.04 8.71
CA THR C 199 -6.91 12.32 7.76
C THR C 199 -7.85 11.12 7.73
N PHE C 200 -9.15 11.37 7.60
CA PHE C 200 -10.19 10.36 7.80
C PHE C 200 -11.04 10.11 6.56
N GLU C 201 -11.48 8.85 6.37
CA GLU C 201 -12.50 8.53 5.38
C GLU C 201 -13.65 7.80 6.05
N THR C 202 -14.86 7.97 5.50
CA THR C 202 -16.09 7.46 6.08
C THR C 202 -16.79 6.50 5.12
N ASP C 203 -17.12 5.32 5.61
CA ASP C 203 -17.91 4.35 4.88
C ASP C 203 -19.29 4.92 4.54
N SER C 204 -19.93 4.35 3.54
CA SER C 204 -21.26 4.81 3.14
C SER C 204 -22.27 4.73 4.28
N THR C 205 -22.04 3.82 5.23
CA THR C 205 -22.99 3.67 6.32
C THR C 205 -23.06 4.93 7.18
N GLY C 206 -21.96 5.67 7.30
CA GLY C 206 -21.97 6.93 7.99
C GLY C 206 -21.51 6.86 9.43
N TRP C 207 -21.29 5.67 9.97
CA TRP C 207 -20.92 5.54 11.38
C TRP C 207 -19.60 4.81 11.57
N THR C 208 -18.82 4.66 10.52
CA THR C 208 -17.59 3.88 10.56
C THR C 208 -16.68 4.40 9.48
N GLY C 209 -15.38 4.18 9.65
CA GLY C 209 -14.49 4.47 8.57
C GLY C 209 -13.06 4.12 8.88
N ARG C 210 -12.18 4.74 8.11
CA ARG C 210 -10.74 4.54 8.11
C ARG C 210 -10.04 5.86 8.40
N PHE C 211 -8.79 5.74 8.86
CA PHE C 211 -7.94 6.92 8.93
C PHE C 211 -6.49 6.51 8.70
N VAL C 212 -5.69 7.51 8.29
CA VAL C 212 -4.25 7.38 8.11
C VAL C 212 -3.56 8.41 8.98
N SER C 213 -2.59 7.96 9.77
CA SER C 213 -1.73 8.83 10.58
C SER C 213 -0.35 8.92 9.94
N ARG C 214 0.06 10.13 9.56
CA ARG C 214 1.39 10.39 9.03
C ARG C 214 2.24 11.08 10.08
N ILE C 215 3.48 10.61 10.25
CA ILE C 215 4.38 11.11 11.29
C ILE C 215 5.18 12.29 10.77
N LEU C 216 5.04 13.43 11.43
CA LEU C 216 5.80 14.64 11.14
C LEU C 216 7.19 14.63 11.77
N ILE C 217 7.62 13.53 12.40
CA ILE C 217 8.93 13.46 13.03
C ILE C 217 9.55 12.11 12.72
N ASP C 218 10.78 11.94 13.21
CA ASP C 218 11.56 10.75 12.96
C ASP C 218 10.80 9.50 13.41
N GLY C 219 10.49 8.62 12.46
CA GLY C 219 9.80 7.40 12.78
C GLY C 219 10.74 6.26 13.10
N SER C 220 11.99 6.58 13.39
CA SER C 220 12.99 5.54 13.67
C SER C 220 12.56 4.70 14.87
N THR C 221 12.71 3.38 14.73
CA THR C 221 12.22 2.43 15.72
C THR C 221 13.37 1.60 16.30
N LEU C 222 13.01 0.56 17.03
CA LEU C 222 13.97 -0.39 17.59
C LEU C 222 13.76 -1.72 16.88
N SER C 223 14.77 -2.18 16.16
CA SER C 223 14.67 -3.42 15.42
C SER C 223 13.41 -3.41 14.54
N GLY C 224 13.44 -2.51 13.55
CA GLY C 224 12.33 -2.35 12.65
C GLY C 224 12.50 -1.19 11.68
N PRO C 225 11.70 -1.16 10.62
CA PRO C 225 11.76 -0.06 9.65
C PRO C 225 11.38 1.26 10.29
N PRO C 226 11.44 2.37 9.56
CA PRO C 226 10.93 3.63 10.10
C PRO C 226 9.42 3.55 10.34
N LEU C 227 8.89 4.61 10.94
CA LEU C 227 7.47 4.70 11.28
C LEU C 227 6.92 5.93 10.56
N THR C 228 6.37 5.73 9.37
CA THR C 228 5.89 6.86 8.58
C THR C 228 4.38 6.96 8.64
N THR C 229 3.67 5.94 8.15
CA THR C 229 2.22 5.99 8.00
C THR C 229 1.57 4.83 8.75
N LEU C 230 0.48 5.13 9.46
CA LEU C 230 -0.27 4.14 10.24
C LEU C 230 -1.72 4.14 9.81
N ARG C 231 -2.22 2.98 9.38
CA ARG C 231 -3.62 2.83 9.03
C ARG C 231 -4.43 2.33 10.21
N GLY C 232 -5.61 2.93 10.42
CA GLY C 232 -6.51 2.49 11.47
C GLY C 232 -7.95 2.60 11.04
N ARG C 233 -8.83 2.01 11.85
CA ARG C 233 -10.27 2.08 11.66
C ARG C 233 -10.90 2.83 12.83
N TRP C 234 -12.02 3.52 12.57
CA TRP C 234 -12.84 4.12 13.61
C TRP C 234 -14.28 3.65 13.45
N SER C 235 -14.98 3.53 14.58
CA SER C 235 -16.39 3.14 14.60
C SER C 235 -17.10 3.88 15.72
N VAL C 236 -18.31 4.39 15.47
CA VAL C 236 -19.11 5.03 16.51
C VAL C 236 -20.39 4.23 16.72
N GLU C 237 -20.47 3.53 17.84
CA GLU C 237 -21.63 2.72 18.13
C GLU C 237 -21.87 2.69 19.63
N ARG C 238 -23.14 2.65 20.01
CA ARG C 238 -23.56 2.54 21.41
C ARG C 238 -23.02 3.69 22.26
N GLY C 239 -22.84 4.86 21.64
CA GLY C 239 -22.43 6.04 22.37
C GLY C 239 -20.95 6.15 22.60
N LEU C 240 -20.16 5.17 22.14
CA LEU C 240 -18.72 5.17 22.32
C LEU C 240 -18.05 5.44 20.97
N VAL C 241 -16.85 6.01 21.04
CA VAL C 241 -15.93 6.02 19.89
C VAL C 241 -14.84 4.99 20.15
N LEU C 242 -14.64 4.09 19.20
CA LEU C 242 -13.52 3.15 19.22
C LEU C 242 -12.65 3.32 17.98
N THR C 243 -11.35 3.40 18.21
CA THR C 243 -10.37 3.38 17.14
C THR C 243 -9.37 2.27 17.41
N ALA C 244 -8.74 1.79 16.34
CA ALA C 244 -7.73 0.75 16.50
C ALA C 244 -6.74 0.86 15.35
N ILE C 245 -5.47 0.71 15.70
CA ILE C 245 -4.40 0.58 14.71
C ILE C 245 -3.78 -0.78 14.98
N VAL C 246 -3.94 -1.68 14.03
CA VAL C 246 -3.35 -3.01 14.09
C VAL C 246 -2.27 -3.05 13.03
N LEU C 247 -1.01 -3.11 13.47
CA LEU C 247 0.12 -3.20 12.56
C LEU C 247 0.54 -4.67 12.31
N VAL D 23 20.95 58.34 59.90
CA VAL D 23 19.68 57.62 59.78
C VAL D 23 19.94 56.16 59.41
N GLY D 24 21.00 55.94 58.66
CA GLY D 24 21.43 54.59 58.35
C GLY D 24 20.65 53.94 57.20
N THR D 25 21.00 54.31 55.98
CA THR D 25 20.43 53.64 54.81
C THR D 25 20.94 52.20 54.73
N LEU D 26 20.03 51.26 54.53
CA LEU D 26 20.43 49.85 54.47
C LEU D 26 21.18 49.53 53.18
N VAL D 27 20.83 50.18 52.07
CA VAL D 27 21.42 49.75 50.81
C VAL D 27 22.88 50.19 50.73
N ALA D 28 23.21 51.31 51.36
CA ALA D 28 24.57 51.83 51.26
C ALA D 28 25.61 50.83 51.72
N SER D 29 25.26 49.95 52.67
CA SER D 29 26.21 48.97 53.18
C SER D 29 26.69 48.02 52.10
N VAL D 30 25.85 47.72 51.12
CA VAL D 30 26.22 46.87 50.01
C VAL D 30 26.60 47.67 48.78
N LEU D 31 26.85 48.96 48.93
CA LEU D 31 27.20 49.84 47.82
C LEU D 31 28.71 50.06 47.75
N PRO D 32 29.26 50.17 46.56
CA PRO D 32 30.70 50.44 46.43
C PRO D 32 31.03 51.80 47.01
N ALA D 33 31.73 51.80 48.14
CA ALA D 33 32.19 53.04 48.79
C ALA D 33 33.45 53.58 48.16
N THR D 34 33.55 53.51 46.83
CA THR D 34 34.77 53.87 46.09
C THR D 34 34.45 54.85 44.97
N VAL D 35 33.63 54.39 44.01
CA VAL D 35 33.15 55.21 42.91
C VAL D 35 31.66 55.44 43.14
N PHE D 36 31.31 56.69 43.37
CA PHE D 36 29.93 57.09 43.69
C PHE D 36 29.55 58.35 42.91
N GLU D 37 30.35 58.72 41.91
CA GLU D 37 30.10 59.93 41.14
C GLU D 37 28.74 59.87 40.47
N ASP D 38 28.39 58.70 39.92
CA ASP D 38 27.15 58.49 39.19
C ASP D 38 26.40 57.30 39.72
N LEU D 39 26.38 57.12 41.03
CA LEU D 39 25.57 56.10 41.68
C LEU D 39 24.54 56.78 42.56
N ALA D 40 23.26 56.51 42.28
CA ALA D 40 22.16 57.08 43.03
C ALA D 40 21.33 55.96 43.63
N TYR D 41 20.89 56.16 44.87
CA TYR D 41 20.08 55.16 45.56
C TYR D 41 19.00 55.85 46.37
N ALA D 42 17.91 55.14 46.64
CA ALA D 42 16.82 55.70 47.44
C ALA D 42 15.90 54.58 47.90
N GLU D 43 15.45 54.64 49.16
CA GLU D 43 14.81 53.48 49.76
C GLU D 43 13.80 53.90 50.81
N LEU D 44 12.80 53.06 50.99
CA LEU D 44 11.78 53.25 52.01
C LEU D 44 11.43 51.90 52.64
N TYR D 45 11.03 51.94 53.91
CA TYR D 45 10.58 50.78 54.65
C TYR D 45 9.07 50.67 54.71
N SER D 46 8.35 51.53 54.00
CA SER D 46 6.89 51.44 54.01
C SER D 46 6.34 52.19 52.82
N ASP D 47 5.03 52.08 52.65
CA ASP D 47 4.36 52.79 51.58
C ASP D 47 3.90 54.12 52.11
N PRO D 48 4.32 55.23 51.53
CA PRO D 48 3.71 56.51 51.87
C PRO D 48 2.31 56.57 51.29
N PRO D 49 1.31 56.98 52.07
CA PRO D 49 0.01 57.24 51.46
C PRO D 49 0.03 58.50 50.62
N GLY D 50 -0.61 58.43 49.44
CA GLY D 50 -0.76 59.56 48.54
C GLY D 50 0.05 59.51 47.26
N LEU D 51 0.87 58.50 47.04
CA LEU D 51 1.69 58.50 45.84
C LEU D 51 0.98 57.77 44.71
N THR D 52 1.33 58.16 43.48
CA THR D 52 0.55 57.75 42.34
C THR D 52 1.44 57.22 41.23
N PRO D 53 0.98 56.21 40.50
CA PRO D 53 1.69 55.83 39.28
C PRO D 53 1.64 56.97 38.29
N LEU D 54 2.68 57.12 37.51
CA LEU D 54 2.62 58.07 36.42
C LEU D 54 1.62 57.57 35.39
N PRO D 55 0.82 58.47 34.78
CA PRO D 55 -0.12 58.06 33.74
C PRO D 55 0.34 56.84 32.93
N GLU D 56 1.46 56.97 32.21
CA GLU D 56 1.87 55.86 31.36
CA GLU D 56 1.95 55.88 31.36
C GLU D 56 2.22 54.61 32.16
N GLU D 57 2.58 54.75 33.44
CA GLU D 57 2.85 53.60 34.32
C GLU D 57 1.57 52.96 34.86
N ALA D 58 0.45 53.68 34.86
CA ALA D 58 -0.73 53.19 35.56
C ALA D 58 -1.26 51.87 35.01
N PRO D 59 -1.30 51.64 33.70
CA PRO D 59 -1.96 50.41 33.23
C PRO D 59 -1.27 49.14 33.70
N LEU D 60 0.04 49.18 34.00
CA LEU D 60 0.72 47.97 34.46
C LEU D 60 0.16 47.45 35.78
N ILE D 61 -0.52 48.28 36.55
CA ILE D 61 -1.09 47.85 37.82
C ILE D 61 -2.58 48.06 37.88
N ALA D 62 -3.17 48.46 36.75
CA ALA D 62 -4.60 48.72 36.70
C ALA D 62 -5.37 47.62 37.43
N ARG D 63 -5.16 46.38 37.02
CA ARG D 63 -5.85 45.24 37.62
C ARG D 63 -4.92 44.44 38.50
N SER D 64 -4.34 45.07 39.52
CA SER D 64 -3.53 44.36 40.51
C SER D 64 -4.03 44.70 41.91
N VAL D 65 -3.61 43.89 42.87
CA VAL D 65 -4.03 44.07 44.24
C VAL D 65 -3.23 45.21 44.88
N ALA D 66 -3.78 45.71 45.99
CA ALA D 66 -3.21 46.88 46.66
C ALA D 66 -1.76 46.64 47.06
N LYS D 67 -1.48 45.49 47.66
CA LYS D 67 -0.12 45.18 48.07
C LYS D 67 0.84 45.30 46.91
N ARG D 68 0.47 44.74 45.75
CA ARG D 68 1.32 44.84 44.58
C ARG D 68 1.36 46.27 44.05
N ARG D 69 0.20 46.90 43.91
CA ARG D 69 0.14 48.29 43.49
C ARG D 69 1.09 49.16 44.29
N ASN D 70 1.15 48.95 45.61
CA ASN D 70 1.87 49.84 46.50
C ASN D 70 3.39 49.70 46.38
N GLU D 71 3.90 48.47 46.46
CA GLU D 71 5.34 48.30 46.24
C GLU D 71 5.75 48.81 44.86
N PHE D 72 4.84 48.71 43.88
CA PHE D 72 5.13 49.18 42.53
C PHE D 72 5.22 50.69 42.47
N ILE D 73 4.32 51.39 43.18
CA ILE D 73 4.34 52.84 43.21
C ILE D 73 5.50 53.33 44.05
N THR D 74 5.59 52.85 45.28
CA THR D 74 6.65 53.32 46.17
C THR D 74 8.03 53.12 45.52
N VAL D 75 8.28 51.95 44.92
CA VAL D 75 9.63 51.68 44.45
C VAL D 75 9.95 52.56 43.26
N ARG D 76 8.96 52.91 42.44
CA ARG D 76 9.19 53.83 41.35
C ARG D 76 9.30 55.26 41.85
N HIS D 77 8.82 55.51 43.06
CA HIS D 77 9.06 56.77 43.72
C HIS D 77 10.54 56.86 44.12
N CYS D 78 11.01 55.90 44.90
CA CYS D 78 12.44 55.83 45.22
C CYS D 78 13.30 55.97 43.96
N ALA D 79 12.95 55.24 42.91
CA ALA D 79 13.67 55.30 41.64
C ALA D 79 13.75 56.73 41.11
N ARG D 80 12.63 57.44 41.06
CA ARG D 80 12.64 58.75 40.44
C ARG D 80 13.30 59.81 41.34
N ILE D 81 13.20 59.66 42.66
CA ILE D 81 14.04 60.46 43.55
C ILE D 81 15.49 60.41 43.07
N ALA D 82 15.97 59.21 42.74
CA ALA D 82 17.39 58.96 42.51
C ALA D 82 17.80 59.28 41.07
N LEU D 83 16.97 58.88 40.09
CA LEU D 83 17.20 59.34 38.72
C LEU D 83 17.46 60.84 38.67
N ASP D 84 16.60 61.62 39.33
CA ASP D 84 16.76 63.08 39.30
C ASP D 84 18.04 63.51 40.00
N GLN D 85 18.50 62.76 41.02
CA GLN D 85 19.72 63.15 41.72
C GLN D 85 20.93 63.15 40.82
N LEU D 86 20.91 62.37 39.73
CA LEU D 86 21.98 62.44 38.74
C LEU D 86 21.53 63.05 37.42
N GLY D 87 20.58 64.00 37.48
CA GLY D 87 20.31 64.89 36.38
C GLY D 87 19.17 64.51 35.46
N VAL D 88 18.53 63.36 35.66
CA VAL D 88 17.57 62.89 34.67
C VAL D 88 16.16 63.25 35.11
N PRO D 89 15.32 63.75 34.20
CA PRO D 89 13.97 64.20 34.60
C PRO D 89 13.07 63.02 34.94
N PRO D 90 12.03 63.25 35.73
CA PRO D 90 11.04 62.19 35.99
C PRO D 90 10.40 61.68 34.71
N ALA D 91 10.15 60.38 34.65
CA ALA D 91 9.69 59.74 33.44
C ALA D 91 9.20 58.35 33.77
N PRO D 92 8.45 57.73 32.88
CA PRO D 92 7.87 56.42 33.19
C PRO D 92 8.94 55.32 33.20
N ILE D 93 8.85 54.45 34.20
CA ILE D 93 9.66 53.26 34.26
C ILE D 93 8.79 52.05 33.97
N LEU D 94 8.68 51.69 32.70
CA LEU D 94 7.83 50.56 32.35
C LEU D 94 8.64 49.27 32.30
N LYS D 95 7.94 48.14 32.29
CA LYS D 95 8.60 46.84 32.27
C LYS D 95 8.74 46.33 30.84
N GLY D 96 9.78 45.53 30.63
CA GLY D 96 10.00 44.89 29.36
C GLY D 96 9.52 43.46 29.36
N ASP D 97 9.72 42.80 28.23
CA ASP D 97 9.50 41.37 28.16
C ASP D 97 10.37 40.69 29.22
N LYS D 98 9.73 39.94 30.10
CA LYS D 98 10.35 39.20 31.21
C LYS D 98 10.55 40.09 32.43
N GLY D 99 10.04 41.32 32.42
CA GLY D 99 9.91 42.12 33.61
C GLY D 99 11.01 43.15 33.81
N GLU D 100 12.11 43.06 33.06
CA GLU D 100 13.19 44.04 33.11
C GLU D 100 12.64 45.47 33.18
N PRO D 101 13.19 46.33 34.04
CA PRO D 101 12.77 47.76 34.07
C PRO D 101 13.33 48.54 32.89
N CYS D 102 12.46 49.19 32.13
CA CYS D 102 12.91 50.02 31.01
C CYS D 102 13.35 51.37 31.55
N TRP D 103 14.66 51.59 31.60
CA TRP D 103 15.26 52.82 32.08
C TRP D 103 15.36 53.84 30.96
N PRO D 104 15.47 55.13 31.28
CA PRO D 104 15.73 56.14 30.25
C PRO D 104 17.01 55.88 29.46
N ASP D 105 17.17 56.65 28.39
CA ASP D 105 18.31 56.52 27.49
C ASP D 105 19.62 56.73 28.26
N GLY D 106 20.57 55.82 28.05
CA GLY D 106 21.87 55.92 28.66
C GLY D 106 21.90 55.72 30.16
N MET D 107 20.88 55.05 30.71
CA MET D 107 20.75 54.82 32.15
C MET D 107 20.51 53.35 32.41
N VAL D 108 20.88 52.92 33.62
CA VAL D 108 20.76 51.55 34.07
C VAL D 108 20.42 51.59 35.55
N GLY D 109 19.84 50.51 36.05
CA GLY D 109 19.43 50.51 37.44
C GLY D 109 18.70 49.24 37.79
N SER D 110 18.30 49.17 39.07
CA SER D 110 17.66 47.96 39.58
C SER D 110 16.73 48.34 40.72
N LEU D 111 15.63 47.60 40.85
CA LEU D 111 14.65 47.78 41.92
C LEU D 111 14.46 46.49 42.73
N THR D 112 14.03 46.67 43.98
CA THR D 112 13.65 45.54 44.81
C THR D 112 12.51 45.93 45.75
N HIS D 113 11.64 44.98 46.06
CA HIS D 113 10.66 45.19 47.13
C HIS D 113 10.36 43.87 47.84
N CYS D 114 10.31 43.95 49.17
CA CYS D 114 9.79 42.87 49.99
C CYS D 114 9.10 43.49 51.18
N ALA D 115 8.53 42.63 52.03
CA ALA D 115 8.00 43.08 53.31
C ALA D 115 9.01 43.99 54.01
N GLY D 116 8.60 45.25 54.20
CA GLY D 116 9.38 46.22 54.95
C GLY D 116 10.41 46.98 54.16
N TYR D 117 10.44 46.87 52.84
CA TYR D 117 11.53 47.51 52.13
C TYR D 117 11.14 47.76 50.68
N ARG D 118 11.49 48.92 50.19
CA ARG D 118 11.47 49.21 48.76
C ARG D 118 12.77 49.93 48.48
N GLY D 119 13.36 49.66 47.31
CA GLY D 119 14.74 50.07 47.08
C GLY D 119 15.09 50.23 45.63
N ALA D 120 15.71 51.34 45.29
CA ALA D 120 16.11 51.61 43.92
C ALA D 120 17.58 52.02 43.85
N VAL D 121 18.23 51.63 42.76
CA VAL D 121 19.63 51.99 42.51
C VAL D 121 19.81 52.12 41.00
N VAL D 122 20.43 53.22 40.59
CA VAL D 122 20.56 53.55 39.19
C VAL D 122 21.91 54.18 38.91
N GLY D 123 22.40 53.99 37.68
CA GLY D 123 23.65 54.58 37.26
C GLY D 123 23.60 54.98 35.81
N ARG D 124 24.67 55.63 35.36
CA ARG D 124 24.84 56.07 33.98
C ARG D 124 25.55 55.02 33.16
N ARG D 125 25.04 54.78 31.95
CA ARG D 125 25.47 53.64 31.15
C ARG D 125 26.98 53.67 30.91
N ASP D 126 27.50 54.82 30.46
CA ASP D 126 28.92 54.91 30.12
C ASP D 126 29.81 54.56 31.30
N ALA D 127 29.41 54.97 32.50
CA ALA D 127 30.23 54.73 33.69
C ALA D 127 30.00 53.33 34.25
N VAL D 128 28.74 52.99 34.53
CA VAL D 128 28.36 51.73 35.15
C VAL D 128 27.74 50.84 34.09
N ARG D 129 28.12 49.56 34.10
CA ARG D 129 27.67 48.63 33.06
C ARG D 129 26.30 48.02 33.36
N SER D 130 26.01 47.75 34.62
CA SER D 130 24.81 47.03 35.04
C SER D 130 24.68 47.16 36.55
N VAL D 131 23.44 47.13 37.04
CA VAL D 131 23.18 47.07 38.47
C VAL D 131 22.15 46.00 38.75
N GLY D 132 22.41 45.23 39.81
CA GLY D 132 21.44 44.34 40.42
C GLY D 132 21.49 44.43 41.94
N ILE D 133 20.31 44.51 42.55
CA ILE D 133 20.16 44.61 43.99
C ILE D 133 18.95 43.79 44.37
N ASP D 134 18.92 43.35 45.62
CA ASP D 134 17.82 42.53 46.10
C ASP D 134 17.71 42.69 47.59
N ALA D 135 16.48 42.56 48.09
CA ALA D 135 16.20 42.70 49.51
C ALA D 135 15.33 41.54 49.97
N GLU D 136 15.58 41.07 51.18
CA GLU D 136 14.88 39.91 51.67
C GLU D 136 14.73 40.04 53.18
N PRO D 137 13.62 39.60 53.75
CA PRO D 137 13.58 39.42 55.21
C PRO D 137 14.56 38.33 55.61
N HIS D 138 15.44 38.68 56.55
CA HIS D 138 16.38 37.75 57.13
C HIS D 138 15.65 36.64 57.87
N ASP D 139 15.11 35.68 57.12
CA ASP D 139 14.46 34.50 57.66
C ASP D 139 14.97 33.27 56.93
N VAL D 140 14.86 32.11 57.59
CA VAL D 140 15.17 30.86 56.90
C VAL D 140 14.24 30.69 55.69
N LEU D 141 14.72 30.01 54.66
CA LEU D 141 13.86 29.84 53.49
C LEU D 141 12.73 28.86 53.80
N PRO D 142 11.59 29.00 53.12
CA PRO D 142 10.56 27.95 53.14
C PRO D 142 11.08 26.58 52.74
N ASN D 143 10.32 25.51 53.01
CA ASN D 143 10.93 24.20 53.20
C ASN D 143 11.64 23.70 51.94
N GLY D 144 11.00 23.82 50.77
CA GLY D 144 11.63 23.26 49.59
C GLY D 144 12.57 24.19 48.83
N VAL D 145 12.67 25.45 49.22
CA VAL D 145 13.32 26.41 48.35
C VAL D 145 14.82 26.17 48.29
N LEU D 146 15.48 25.98 49.44
CA LEU D 146 16.92 25.85 49.45
C LEU D 146 17.41 24.87 48.38
N ASP D 147 16.86 23.67 48.36
CA ASP D 147 17.30 22.69 47.37
C ASP D 147 17.13 23.20 45.94
N ALA D 148 16.10 24.00 45.69
CA ALA D 148 15.82 24.46 44.33
C ALA D 148 16.78 25.55 43.85
N ILE D 149 17.32 26.37 44.76
CA ILE D 149 18.08 27.55 44.37
C ILE D 149 19.55 27.44 44.71
N SER D 150 20.03 26.26 45.08
CA SER D 150 21.43 26.13 45.46
C SER D 150 22.04 24.90 44.81
N LEU D 151 23.32 25.01 44.49
CA LEU D 151 24.14 23.90 44.06
C LEU D 151 24.60 23.10 45.26
N PRO D 152 24.93 21.82 45.06
CA PRO D 152 25.46 21.02 46.18
C PRO D 152 26.72 21.58 46.81
N ALA D 153 27.57 22.30 46.07
CA ALA D 153 28.78 22.81 46.71
C ALA D 153 28.53 24.10 47.50
N GLU D 154 27.45 24.83 47.20
CA GLU D 154 27.05 25.94 48.04
C GLU D 154 26.50 25.43 49.37
N ARG D 155 25.63 24.42 49.32
CA ARG D 155 25.08 23.86 50.53
C ARG D 155 26.16 23.24 51.42
N ALA D 156 27.32 22.93 50.85
CA ALA D 156 28.40 22.30 51.59
C ALA D 156 29.38 23.31 52.19
N ASP D 157 29.59 24.45 51.53
CA ASP D 157 30.61 25.41 51.94
C ASP D 157 30.05 26.61 52.71
N MET D 158 28.87 27.12 52.35
CA MET D 158 28.42 28.38 52.96
C MET D 158 28.31 28.31 54.46
N PRO D 159 27.55 27.38 55.05
CA PRO D 159 27.42 27.36 56.51
C PRO D 159 28.76 27.24 57.22
N ARG D 160 29.68 26.41 56.71
CA ARG D 160 31.00 26.25 57.32
C ARG D 160 31.75 27.57 57.46
N THR D 161 31.46 28.57 56.63
CA THR D 161 32.19 29.83 56.67
C THR D 161 31.34 30.99 57.17
N MET D 162 30.02 30.82 57.27
CA MET D 162 29.12 31.90 57.62
C MET D 162 28.73 31.84 59.09
N PRO D 163 28.70 33.01 59.75
CA PRO D 163 28.45 33.08 61.20
C PRO D 163 27.09 32.53 61.60
N ALA D 164 27.02 32.05 62.84
CA ALA D 164 25.87 31.25 63.30
C ALA D 164 24.57 32.05 63.32
N ALA D 165 24.65 33.36 63.56
CA ALA D 165 23.45 34.18 63.66
C ALA D 165 22.79 34.49 62.32
N LEU D 166 23.32 33.98 61.20
CA LEU D 166 22.83 34.34 59.88
C LEU D 166 22.06 33.19 59.24
N HIS D 167 21.04 33.55 58.44
CA HIS D 167 20.36 32.61 57.54
C HIS D 167 21.10 32.58 56.20
N TRP D 168 22.13 31.72 56.12
CA TRP D 168 22.92 31.68 54.91
C TRP D 168 22.07 31.23 53.72
N ASP D 169 21.08 30.38 53.95
CA ASP D 169 20.23 29.97 52.83
C ASP D 169 19.51 31.18 52.23
N ARG D 170 18.96 32.07 53.07
CA ARG D 170 18.32 33.29 52.56
C ARG D 170 19.31 34.20 51.85
N ILE D 171 20.52 34.35 52.42
CA ILE D 171 21.53 35.19 51.80
C ILE D 171 21.89 34.68 50.40
N LEU D 172 22.08 33.36 50.28
CA LEU D 172 22.31 32.76 48.97
C LEU D 172 21.17 33.09 48.02
N PHE D 173 19.93 32.91 48.48
CA PHE D 173 18.78 33.23 47.64
C PHE D 173 18.87 34.67 47.17
N CYS D 174 19.15 35.57 48.10
CA CYS D 174 19.26 37.01 47.82
C CYS D 174 20.35 37.31 46.79
N ALA D 175 21.56 36.74 47.00
CA ALA D 175 22.66 37.03 46.09
C ALA D 175 22.40 36.45 44.69
N LYS D 176 21.71 35.32 44.59
CA LYS D 176 21.39 34.76 43.27
C LYS D 176 20.52 35.72 42.45
N GLU D 177 19.52 36.32 43.09
CA GLU D 177 18.64 37.23 42.37
C GLU D 177 19.38 38.50 41.94
N ALA D 178 20.16 39.11 42.83
CA ALA D 178 20.94 40.25 42.37
C ALA D 178 21.75 39.87 41.12
N THR D 179 22.43 38.71 41.19
CA THR D 179 23.12 38.15 40.03
C THR D 179 22.21 38.13 38.81
N TYR D 180 21.12 37.38 38.90
CA TYR D 180 20.18 37.42 37.78
C TYR D 180 19.82 38.83 37.36
N LYS D 181 19.66 39.75 38.33
CA LYS D 181 19.21 41.08 37.97
C LYS D 181 20.30 41.88 37.27
N ALA D 182 21.56 41.66 37.60
CA ALA D 182 22.63 42.39 36.93
C ALA D 182 23.04 41.72 35.64
N TRP D 183 22.68 40.44 35.48
CA TRP D 183 23.00 39.61 34.33
C TRP D 183 22.04 39.81 33.16
N PHE D 184 20.76 40.03 33.44
CA PHE D 184 19.76 39.93 32.39
C PHE D 184 19.79 41.12 31.45
N PRO D 185 19.88 42.34 31.95
CA PRO D 185 19.98 43.48 31.03
C PRO D 185 21.13 43.33 30.03
N LEU D 186 22.24 42.69 30.41
CA LEU D 186 23.38 42.64 29.51
C LEU D 186 23.37 41.41 28.60
N THR D 187 22.78 40.30 29.03
CA THR D 187 22.73 39.11 28.18
C THR D 187 21.38 38.90 27.51
N LYS D 188 20.30 39.37 28.14
CA LYS D 188 18.94 39.16 27.67
C LYS D 188 18.54 37.68 27.66
N ARG D 189 19.34 36.82 28.31
CA ARG D 189 19.05 35.40 28.44
C ARG D 189 18.74 35.04 29.90
N TRP D 190 18.11 33.88 30.07
CA TRP D 190 17.70 33.40 31.39
C TRP D 190 18.84 32.69 32.10
N LEU D 191 19.31 33.26 33.19
CA LEU D 191 20.26 32.62 34.09
C LEU D 191 19.51 31.78 35.11
N GLY D 192 19.79 30.49 35.16
CA GLY D 192 19.13 29.65 36.14
C GLY D 192 19.77 29.71 37.53
N PHE D 193 19.06 29.15 38.51
CA PHE D 193 19.59 29.06 39.87
C PHE D 193 20.80 28.13 39.99
N GLU D 194 21.10 27.37 38.97
CA GLU D 194 22.28 26.52 39.04
C GLU D 194 23.17 26.75 37.83
N ASP D 195 23.06 27.93 37.21
CA ASP D 195 23.98 28.39 36.20
C ASP D 195 24.97 29.38 36.78
N ALA D 196 24.98 29.54 38.09
CA ALA D 196 25.93 30.42 38.76
C ALA D 196 26.29 29.84 40.12
N HIS D 197 27.59 29.67 40.37
CA HIS D 197 28.03 29.25 41.68
C HIS D 197 28.52 30.47 42.44
N ILE D 198 28.09 30.62 43.69
CA ILE D 198 28.41 31.81 44.50
C ILE D 198 29.17 31.38 45.75
N THR D 199 30.24 32.11 46.05
CA THR D 199 30.99 31.88 47.28
C THR D 199 31.07 33.19 48.05
N PHE D 200 31.07 33.08 49.37
CA PHE D 200 30.87 34.22 50.27
C PHE D 200 32.02 34.39 51.24
N GLU D 201 32.48 35.63 51.41
CA GLU D 201 33.33 35.97 52.54
C GLU D 201 32.53 36.89 53.45
N THR D 202 32.85 36.87 54.74
CA THR D 202 32.23 37.80 55.68
C THR D 202 33.30 38.48 56.52
N ASP D 203 33.07 39.78 56.74
CA ASP D 203 33.95 40.71 57.43
C ASP D 203 34.03 40.39 58.93
N SER D 204 35.01 40.97 59.61
CA SER D 204 35.22 40.60 61.00
C SER D 204 34.04 41.01 61.88
N THR D 205 33.18 41.89 61.38
CA THR D 205 32.07 42.37 62.18
C THR D 205 30.97 41.31 62.32
N GLY D 206 30.76 40.47 61.30
CA GLY D 206 29.82 39.38 61.42
C GLY D 206 28.51 39.58 60.70
N TRP D 207 28.31 40.72 60.05
CA TRP D 207 26.99 41.09 59.52
C TRP D 207 27.07 41.62 58.10
N THR D 208 28.26 41.67 57.52
CA THR D 208 28.46 42.19 56.19
C THR D 208 29.51 41.30 55.53
N GLY D 209 29.57 41.39 54.20
CA GLY D 209 30.71 40.82 53.51
C GLY D 209 30.52 40.92 52.01
N ARG D 210 31.20 40.03 51.30
CA ARG D 210 31.15 40.08 49.86
C ARG D 210 30.96 38.68 49.30
N PHE D 211 30.66 38.63 48.02
CA PHE D 211 30.44 37.35 47.39
C PHE D 211 30.91 37.46 45.97
N VAL D 212 31.22 36.30 45.37
CA VAL D 212 31.61 36.19 43.98
C VAL D 212 30.68 35.18 43.32
N SER D 213 30.11 35.56 42.18
CA SER D 213 29.21 34.74 41.38
C SER D 213 29.97 34.35 40.12
N ARG D 214 30.25 33.06 39.96
CA ARG D 214 30.85 32.55 38.74
C ARG D 214 29.78 31.88 37.90
N ILE D 215 29.74 32.20 36.61
CA ILE D 215 28.71 31.69 35.71
C ILE D 215 29.19 30.40 35.05
N LEU D 216 28.36 29.36 35.16
CA LEU D 216 28.62 28.04 34.61
C LEU D 216 28.17 27.88 33.16
N ILE D 217 27.37 28.82 32.64
CA ILE D 217 26.93 28.77 31.25
C ILE D 217 27.57 29.92 30.48
N ASP D 218 27.23 30.01 29.20
CA ASP D 218 27.80 31.03 28.34
C ASP D 218 27.57 32.40 28.95
N GLY D 219 28.65 33.17 29.10
CA GLY D 219 28.54 34.52 29.63
C GLY D 219 28.54 35.61 28.58
N SER D 220 27.93 35.33 27.42
CA SER D 220 28.00 36.24 26.28
C SER D 220 26.93 37.33 26.37
N THR D 221 27.34 38.56 26.14
CA THR D 221 26.46 39.73 26.23
C THR D 221 26.22 40.32 24.84
N LEU D 222 25.23 41.20 24.76
CA LEU D 222 24.91 41.83 23.48
C LEU D 222 25.92 42.92 23.13
N SER D 223 26.32 43.70 24.13
CA SER D 223 27.35 44.71 23.98
C SER D 223 28.30 44.54 25.13
N GLY D 224 29.60 44.48 24.82
CA GLY D 224 30.61 44.25 25.82
C GLY D 224 31.18 42.85 25.77
N PRO D 225 32.25 42.61 26.53
CA PRO D 225 32.86 41.29 26.55
C PRO D 225 32.07 40.33 27.42
N PRO D 226 32.16 39.03 27.16
CA PRO D 226 31.50 38.06 28.03
C PRO D 226 32.02 38.19 29.46
N LEU D 227 31.10 38.18 30.42
CA LEU D 227 31.42 38.27 31.84
C LEU D 227 31.22 36.92 32.52
N THR D 228 32.20 36.54 33.33
CA THR D 228 32.27 35.21 33.93
C THR D 228 32.09 35.22 35.44
N THR D 229 32.60 36.27 36.11
CA THR D 229 32.59 36.42 37.56
C THR D 229 32.12 37.82 37.93
N LEU D 230 31.33 37.92 39.01
CA LEU D 230 30.72 39.16 39.48
C LEU D 230 30.97 39.33 40.97
N ARG D 231 31.60 40.43 41.38
CA ARG D 231 31.71 40.73 42.79
C ARG D 231 30.42 41.37 43.33
N GLY D 232 30.04 40.98 44.54
CA GLY D 232 28.88 41.54 45.19
C GLY D 232 29.14 41.76 46.67
N ARG D 233 28.31 42.60 47.27
CA ARG D 233 28.32 42.81 48.71
C ARG D 233 26.99 42.36 49.31
N TRP D 234 27.03 41.92 50.56
CA TRP D 234 25.84 41.59 51.33
C TRP D 234 25.98 42.22 52.71
N SER D 235 24.82 42.40 53.36
CA SER D 235 24.72 43.04 54.66
C SER D 235 23.42 42.57 55.30
N VAL D 236 23.44 42.32 56.60
CA VAL D 236 22.21 41.97 57.32
C VAL D 236 22.01 43.04 58.39
N GLU D 237 20.94 43.81 58.24
CA GLU D 237 20.68 45.01 59.00
C GLU D 237 19.18 45.08 59.23
N ARG D 238 18.78 45.21 60.49
CA ARG D 238 17.37 45.42 60.86
C ARG D 238 16.43 44.46 60.14
N GLY D 239 16.73 43.16 60.27
CA GLY D 239 15.79 42.16 59.79
C GLY D 239 15.73 41.98 58.28
N LEU D 240 16.52 42.72 57.52
CA LEU D 240 16.57 42.54 56.08
C LEU D 240 17.95 42.05 55.66
N VAL D 241 17.98 41.38 54.50
CA VAL D 241 19.21 41.04 53.80
C VAL D 241 19.29 41.90 52.54
N LEU D 242 20.41 42.59 52.35
CA LEU D 242 20.63 43.32 51.11
C LEU D 242 21.84 42.78 50.37
N THR D 243 21.66 42.55 49.09
CA THR D 243 22.75 42.23 48.20
C THR D 243 22.69 43.22 47.04
N ALA D 244 23.84 43.41 46.41
CA ALA D 244 23.98 44.36 45.33
C ALA D 244 25.22 43.97 44.54
N ILE D 245 25.08 43.88 43.23
CA ILE D 245 26.21 43.81 42.32
C ILE D 245 26.18 45.09 41.50
N VAL D 246 27.20 45.93 41.68
CA VAL D 246 27.43 47.07 40.80
C VAL D 246 28.55 46.69 39.83
N LEU D 247 28.27 46.80 38.54
CA LEU D 247 29.27 46.64 37.51
C LEU D 247 29.65 48.00 36.91
N GLN E 41 0.13 36.98 33.49
CA GLN E 41 -0.48 37.44 34.73
C GLN E 41 -0.10 36.56 35.94
N LEU E 42 -1.14 36.10 36.61
CA LEU E 42 -1.07 35.37 37.88
C LEU E 42 -0.74 36.35 39.00
N ASP E 43 -1.80 36.91 39.59
CA ASP E 43 -1.67 37.84 40.70
C ASP E 43 -0.82 39.03 40.30
N ALA E 44 -1.08 39.56 39.10
CA ALA E 44 -0.25 40.61 38.54
C ALA E 44 1.23 40.23 38.68
N LEU E 45 1.81 40.53 39.85
CA LEU E 45 3.16 40.11 40.22
C LEU E 45 3.11 39.50 41.63
N ASP E 46 2.44 38.35 41.73
CA ASP E 46 2.35 37.50 42.92
C ASP E 46 2.77 38.16 44.23
N ALA E 47 3.59 37.44 45.00
CA ALA E 47 3.88 37.81 46.38
C ALA E 47 5.37 38.07 46.63
N ALA E 48 6.17 37.02 46.80
CA ALA E 48 7.56 37.15 47.22
C ALA E 48 8.49 36.18 46.49
N GLU E 49 8.51 34.92 46.93
CA GLU E 49 9.19 33.81 46.22
C GLU E 49 8.34 32.58 46.51
N ARG E 50 7.38 32.31 45.63
CA ARG E 50 6.18 31.56 45.97
C ARG E 50 6.05 30.27 45.15
N PRO E 51 6.89 29.26 45.41
CA PRO E 51 6.60 27.92 44.86
C PRO E 51 5.56 27.15 45.65
N GLY E 52 5.39 27.46 46.94
CA GLY E 52 4.38 26.74 47.71
C GLY E 52 2.97 27.20 47.38
N HIS E 53 2.75 28.52 47.42
CA HIS E 53 1.50 29.10 46.92
C HIS E 53 1.15 28.51 45.55
N LEU E 54 2.16 28.29 44.71
CA LEU E 54 1.95 27.67 43.41
C LEU E 54 1.50 26.23 43.55
N ALA E 55 2.17 25.45 44.41
CA ALA E 55 1.71 24.11 44.73
C ALA E 55 0.21 24.10 45.05
N SER E 56 -0.22 24.99 45.95
CA SER E 56 -1.62 25.08 46.33
C SER E 56 -2.49 25.63 45.20
N ALA E 57 -1.91 26.47 44.34
CA ALA E 57 -2.68 27.09 43.27
C ALA E 57 -2.98 26.12 42.14
N ILE E 58 -2.10 25.15 41.89
CA ILE E 58 -2.44 24.09 40.94
C ILE E 58 -3.38 23.07 41.58
N ALA E 59 -3.19 22.81 42.88
CA ALA E 59 -3.98 21.82 43.60
C ALA E 59 -5.43 22.24 43.75
N ASP E 60 -5.72 23.55 43.66
CA ASP E 60 -7.12 23.98 43.64
C ASP E 60 -7.74 23.72 42.27
N GLU E 61 -7.01 23.96 41.20
CA GLU E 61 -7.50 23.79 39.85
C GLU E 61 -7.45 22.35 39.39
N ILE E 62 -6.55 21.54 39.96
CA ILE E 62 -6.60 20.09 39.71
C ILE E 62 -7.88 19.50 40.31
N ARG E 63 -8.21 19.89 41.53
CA ARG E 63 -9.45 19.42 42.14
C ARG E 63 -10.65 19.83 41.32
N ALA E 64 -10.62 21.03 40.75
CA ALA E 64 -11.63 21.40 39.75
C ALA E 64 -11.61 20.44 38.57
N VAL E 65 -10.43 20.24 37.97
CA VAL E 65 -10.27 19.30 36.86
C VAL E 65 -10.68 17.90 37.26
N LEU E 66 -10.41 17.52 38.50
CA LEU E 66 -10.62 16.14 38.94
C LEU E 66 -12.04 15.97 39.48
N ARG E 67 -12.29 14.85 40.17
CA ARG E 67 -13.51 14.75 40.97
C ARG E 67 -13.39 15.53 42.27
N SER E 68 -12.17 15.80 42.73
CA SER E 68 -11.91 16.71 43.85
C SER E 68 -12.24 16.10 45.20
N GLY E 69 -12.86 16.90 46.07
CA GLY E 69 -13.27 16.42 47.38
C GLY E 69 -12.30 16.77 48.49
N ASP E 70 -11.23 16.01 48.58
CA ASP E 70 -10.26 16.19 49.66
C ASP E 70 -8.97 16.82 49.14
N PRO E 71 -8.00 17.09 50.00
CA PRO E 71 -6.70 17.60 49.55
C PRO E 71 -5.85 16.47 48.97
N ILE E 72 -4.79 16.87 48.26
CA ILE E 72 -3.88 15.93 47.60
C ILE E 72 -2.49 16.08 48.19
N ASP E 73 -1.76 14.98 48.23
CA ASP E 73 -0.38 15.01 48.69
C ASP E 73 0.54 15.37 47.53
N HIS E 74 1.36 16.40 47.72
CA HIS E 74 2.09 16.98 46.60
C HIS E 74 3.10 16.00 45.99
N HIS E 75 3.41 14.91 46.68
CA HIS E 75 4.39 13.95 46.20
C HIS E 75 3.74 12.66 45.67
N ARG E 76 2.41 12.64 45.56
CA ARG E 76 1.67 11.54 45.00
C ARG E 76 1.55 11.69 43.48
N PRO E 77 1.78 10.62 42.72
CA PRO E 77 1.48 10.67 41.29
C PRO E 77 -0.03 10.87 41.09
N LEU E 78 -0.39 11.85 40.28
CA LEU E 78 -1.79 12.19 40.18
C LEU E 78 -2.53 11.35 39.14
N GLU E 79 -1.80 10.81 38.14
CA GLU E 79 -2.34 9.71 37.35
C GLU E 79 -2.92 8.63 38.26
N THR E 80 -2.21 8.32 39.35
CA THR E 80 -2.71 7.45 40.40
C THR E 80 -3.98 7.99 41.03
N LEU E 81 -4.17 9.31 41.02
CA LEU E 81 -5.32 9.96 41.64
C LEU E 81 -6.58 9.89 40.79
N GLY E 82 -6.68 8.89 39.90
CA GLY E 82 -7.78 8.77 38.97
C GLY E 82 -7.66 9.63 37.73
N LEU E 83 -6.73 10.60 37.72
CA LEU E 83 -6.62 11.58 36.65
C LEU E 83 -6.04 10.95 35.38
N ASP E 84 -6.72 11.17 34.23
CA ASP E 84 -6.38 10.63 32.92
C ASP E 84 -6.02 11.76 31.95
N SER E 85 -5.77 11.37 30.70
CA SER E 85 -5.18 12.28 29.71
C SER E 85 -6.15 13.37 29.20
N LEU E 86 -7.47 13.13 29.22
CA LEU E 86 -8.40 14.22 28.92
C LEU E 86 -8.44 15.24 30.06
N GLY E 88 -6.02 15.51 32.22
CA GLY E 88 -4.66 16.02 32.25
C GLY E 88 -4.40 17.07 31.19
N LEU E 89 -5.09 17.01 30.07
CA LEU E 89 -5.09 18.14 29.15
C LEU E 89 -6.11 19.20 29.57
N GLU E 90 -7.06 18.84 30.42
CA GLU E 90 -7.90 19.85 31.02
C GLU E 90 -7.15 20.57 32.13
N LEU E 91 -6.17 19.92 32.74
CA LEU E 91 -5.32 20.59 33.72
C LEU E 91 -4.40 21.61 33.03
N ARG E 92 -3.70 21.17 31.98
CA ARG E 92 -2.68 22.01 31.37
C ARG E 92 -3.25 23.35 30.91
N ASN E 93 -4.46 23.33 30.33
CA ASN E 93 -5.06 24.53 29.73
C ASN E 93 -5.61 25.51 30.76
N ARG E 94 -5.95 25.03 31.95
CA ARG E 94 -6.30 25.95 33.04
C ARG E 94 -5.07 26.70 33.55
N LEU E 95 -3.95 26.00 33.77
CA LEU E 95 -2.70 26.66 34.11
C LEU E 95 -2.38 27.76 33.11
N GLU E 96 -2.56 27.47 31.83
CA GLU E 96 -2.37 28.48 30.79
C GLU E 96 -3.23 29.69 31.07
N ALA E 97 -4.56 29.50 31.07
CA ALA E 97 -5.51 30.57 31.38
C ALA E 97 -5.35 31.08 32.81
N SER E 98 -4.62 30.36 33.64
CA SER E 98 -4.33 30.78 35.01
C SER E 98 -2.99 31.52 35.05
N LEU E 99 -1.89 30.80 34.87
CA LEU E 99 -0.56 31.37 35.00
C LEU E 99 -0.32 32.50 34.01
N GLY E 100 -1.13 32.59 32.96
CA GLY E 100 -0.94 33.56 31.92
C GLY E 100 0.23 33.28 30.99
N ILE E 101 0.84 32.10 31.09
CA ILE E 101 1.97 31.75 30.24
C ILE E 101 1.54 30.68 29.25
N THR E 102 2.44 30.40 28.31
CA THR E 102 2.35 29.24 27.45
C THR E 102 3.02 28.07 28.14
N LEU E 103 2.34 26.92 28.15
CA LEU E 103 2.83 25.70 28.76
C LEU E 103 3.13 24.65 27.70
N PRO E 104 3.79 23.56 28.08
CA PRO E 104 3.86 22.39 27.20
C PRO E 104 2.54 21.65 27.19
N VAL E 105 2.38 20.77 26.20
CA VAL E 105 1.19 19.94 26.09
C VAL E 105 1.42 18.54 26.64
N ALA E 106 2.60 18.26 27.19
CA ALA E 106 2.83 17.04 27.93
C ALA E 106 3.05 17.39 29.39
N LEU E 107 2.10 18.11 29.97
CA LEU E 107 2.29 18.62 31.32
C LEU E 107 2.51 17.49 32.30
N VAL E 108 1.47 16.66 32.54
CA VAL E 108 1.55 15.59 33.52
C VAL E 108 2.12 14.30 32.94
N TRP E 109 2.55 14.32 31.67
CA TRP E 109 3.30 13.20 31.13
C TRP E 109 4.77 13.24 31.52
N ALA E 110 5.31 14.42 31.82
CA ALA E 110 6.72 14.60 32.16
C ALA E 110 6.98 14.85 33.63
N TYR E 111 6.10 15.57 34.34
CA TYR E 111 6.27 15.89 35.75
C TYR E 111 4.99 15.47 36.46
N PRO E 112 4.91 14.22 36.95
CA PRO E 112 3.61 13.59 37.22
C PRO E 112 2.98 13.90 38.58
N THR E 113 3.56 14.75 39.43
CA THR E 113 2.98 15.06 40.72
C THR E 113 3.02 16.57 40.97
N ILE E 114 2.30 16.99 42.02
CA ILE E 114 2.27 18.39 42.43
C ILE E 114 3.69 18.95 42.55
N SER E 115 4.58 18.17 43.16
CA SER E 115 5.95 18.63 43.39
C SER E 115 6.61 19.09 42.10
N ASP E 116 6.54 18.25 41.06
CA ASP E 116 7.19 18.59 39.79
C ASP E 116 6.54 19.81 39.13
N LEU E 117 5.29 20.12 39.49
CA LEU E 117 4.61 21.25 38.90
C LEU E 117 4.84 22.56 39.63
N ALA E 118 5.36 22.52 40.86
CA ALA E 118 5.55 23.76 41.60
C ALA E 118 6.95 24.35 41.43
N THR E 119 7.96 23.51 41.17
CA THR E 119 9.28 24.07 40.89
C THR E 119 9.52 24.26 39.40
N ALA E 120 9.18 23.27 38.57
CA ALA E 120 9.38 23.41 37.13
C ALA E 120 8.64 24.61 36.56
N LEU E 121 7.35 24.76 36.94
CA LEU E 121 6.52 25.82 36.37
C LEU E 121 6.95 27.20 36.86
N CYS E 122 7.15 27.34 38.18
CA CYS E 122 7.73 28.57 38.73
C CYS E 122 8.97 28.96 37.92
N GLU E 123 9.81 27.97 37.57
CA GLU E 123 10.93 28.26 36.67
C GLU E 123 10.44 28.45 35.23
N ARG E 124 9.31 27.85 34.88
CA ARG E 124 8.76 27.92 33.52
C ARG E 124 8.11 29.26 33.22
N ASP E 126 9.31 32.80 34.08
CA ASP E 126 10.48 33.54 33.62
C ASP E 126 11.29 32.80 32.55
N ILE F 38 7.89 -37.36 -34.34
CA ILE F 38 7.19 -36.18 -33.83
C ILE F 38 8.07 -34.93 -34.02
N ARG F 39 9.01 -35.03 -34.97
CA ARG F 39 9.91 -33.93 -35.31
C ARG F 39 9.35 -33.19 -36.54
N ALA F 40 8.20 -32.56 -36.33
CA ALA F 40 7.51 -31.79 -37.38
C ALA F 40 7.17 -32.76 -38.51
N GLN F 41 7.52 -32.47 -39.77
CA GLN F 41 7.15 -33.27 -40.93
C GLN F 41 5.64 -33.26 -41.17
N LEU F 42 4.98 -32.16 -40.75
CA LEU F 42 3.57 -31.86 -41.01
C LEU F 42 2.65 -33.07 -40.81
N ASP F 43 1.69 -33.24 -41.73
CA ASP F 43 0.70 -34.32 -41.58
C ASP F 43 1.36 -35.63 -41.14
N ALA F 44 2.40 -36.08 -41.86
CA ALA F 44 3.07 -37.33 -41.51
C ALA F 44 2.10 -38.51 -41.50
N LEU F 45 1.58 -38.84 -40.32
CA LEU F 45 0.46 -39.77 -40.16
C LEU F 45 -0.64 -39.44 -41.17
N ASP F 46 -1.44 -38.41 -40.87
CA ASP F 46 -2.34 -37.74 -41.82
C ASP F 46 -3.45 -38.61 -42.38
N ALA F 47 -3.18 -39.90 -42.59
CA ALA F 47 -4.04 -40.83 -43.33
C ALA F 47 -5.52 -40.49 -43.23
N ALA F 48 -6.24 -40.49 -44.36
CA ALA F 48 -7.64 -40.07 -44.47
C ALA F 48 -7.83 -38.57 -44.17
N GLU F 49 -8.79 -38.23 -43.30
CA GLU F 49 -9.31 -36.85 -43.21
C GLU F 49 -9.67 -36.46 -41.77
N ARG F 50 -8.85 -36.88 -40.79
CA ARG F 50 -9.36 -37.16 -39.45
C ARG F 50 -9.08 -36.05 -38.45
N PRO F 51 -10.11 -35.42 -37.87
CA PRO F 51 -9.91 -34.63 -36.64
C PRO F 51 -9.66 -35.47 -35.40
N GLY F 52 -9.87 -36.80 -35.48
CA GLY F 52 -9.85 -37.70 -34.35
C GLY F 52 -8.49 -38.06 -33.75
N HIS F 53 -7.52 -38.47 -34.57
CA HIS F 53 -6.18 -38.73 -34.04
C HIS F 53 -5.47 -37.44 -33.64
N LEU F 54 -5.90 -36.31 -34.20
CA LEU F 54 -5.36 -35.02 -33.78
C LEU F 54 -5.56 -34.84 -32.28
N ALA F 55 -6.81 -34.93 -31.83
CA ALA F 55 -7.10 -34.93 -30.39
C ALA F 55 -6.24 -35.94 -29.63
N SER F 56 -6.17 -37.18 -30.11
CA SER F 56 -5.36 -38.17 -29.41
C SER F 56 -3.90 -37.74 -29.34
N ALA F 57 -3.42 -37.07 -30.39
CA ALA F 57 -2.00 -36.80 -30.52
C ALA F 57 -1.55 -35.60 -29.68
N ILE F 58 -2.45 -34.64 -29.47
CA ILE F 58 -2.18 -33.48 -28.63
C ILE F 58 -2.65 -33.69 -27.19
N ALA F 59 -3.60 -34.61 -26.97
CA ALA F 59 -4.04 -34.93 -25.61
C ALA F 59 -2.97 -35.69 -24.84
N ASP F 60 -2.18 -36.51 -25.52
CA ASP F 60 -1.01 -37.10 -24.88
C ASP F 60 0.20 -36.17 -24.94
N GLU F 61 0.11 -35.06 -25.68
CA GLU F 61 1.12 -34.01 -25.59
C GLU F 61 0.84 -33.08 -24.43
N ILE F 62 -0.43 -32.94 -24.03
CA ILE F 62 -0.74 -32.16 -22.83
C ILE F 62 -0.24 -32.88 -21.60
N ARG F 63 -0.46 -34.20 -21.51
CA ARG F 63 -0.07 -34.93 -20.32
C ARG F 63 1.44 -34.93 -20.13
N ALA F 64 2.19 -34.86 -21.22
CA ALA F 64 3.63 -34.65 -21.11
C ALA F 64 3.95 -33.25 -20.62
N VAL F 65 3.07 -32.28 -20.89
CA VAL F 65 3.23 -30.94 -20.36
C VAL F 65 2.74 -30.86 -18.91
N LEU F 66 1.67 -31.60 -18.60
CA LEU F 66 1.08 -31.61 -17.26
C LEU F 66 1.90 -32.38 -16.23
N ARG F 67 2.74 -33.33 -16.66
CA ARG F 67 3.43 -34.23 -15.73
C ARG F 67 2.45 -35.12 -14.97
N SER F 68 1.31 -35.45 -15.60
CA SER F 68 0.27 -36.25 -14.99
C SER F 68 0.04 -37.49 -15.84
N GLY F 69 -0.55 -38.51 -15.20
CA GLY F 69 -0.73 -39.79 -15.83
C GLY F 69 -2.17 -40.13 -16.20
N ASP F 70 -3.13 -39.41 -15.62
CA ASP F 70 -4.52 -39.72 -15.83
C ASP F 70 -5.01 -39.21 -17.19
N PRO F 71 -6.16 -39.69 -17.64
CA PRO F 71 -6.76 -39.20 -18.89
C PRO F 71 -7.60 -37.96 -18.67
N ILE F 72 -7.78 -37.20 -19.76
CA ILE F 72 -8.47 -35.91 -19.72
C ILE F 72 -9.50 -35.89 -20.85
N ASP F 73 -10.74 -35.51 -20.52
CA ASP F 73 -11.80 -35.48 -21.51
C ASP F 73 -11.54 -34.35 -22.51
N HIS F 74 -12.29 -34.39 -23.62
CA HIS F 74 -12.07 -33.50 -24.76
C HIS F 74 -12.98 -32.29 -24.77
N HIS F 75 -13.87 -32.17 -23.77
CA HIS F 75 -14.80 -31.04 -23.61
C HIS F 75 -14.55 -30.28 -22.31
N ARG F 76 -13.32 -30.31 -21.81
CA ARG F 76 -12.96 -29.70 -20.52
C ARG F 76 -12.02 -28.53 -20.73
N PRO F 77 -12.38 -27.31 -20.32
CA PRO F 77 -11.43 -26.19 -20.44
C PRO F 77 -10.20 -26.43 -19.59
N LEU F 78 -9.04 -26.33 -20.22
CA LEU F 78 -7.78 -26.67 -19.54
C LEU F 78 -7.24 -25.53 -18.70
N GLU F 79 -7.91 -24.38 -18.65
CA GLU F 79 -7.70 -23.43 -17.57
C GLU F 79 -8.04 -24.05 -16.22
N THR F 80 -9.01 -24.97 -16.21
CA THR F 80 -9.40 -25.71 -15.01
C THR F 80 -8.51 -26.91 -14.72
N LEU F 81 -7.63 -27.28 -15.65
CA LEU F 81 -6.66 -28.37 -15.47
C LEU F 81 -5.31 -27.87 -14.97
N GLY F 82 -5.24 -26.62 -14.53
CA GLY F 82 -4.01 -26.10 -13.97
C GLY F 82 -2.94 -25.79 -14.98
N LEU F 83 -3.32 -25.53 -16.23
CA LEU F 83 -2.38 -25.15 -17.29
C LEU F 83 -2.20 -23.63 -17.30
N ASP F 84 -1.17 -23.14 -16.62
CA ASP F 84 -0.91 -21.71 -16.61
C ASP F 84 -0.45 -21.28 -18.00
N SER F 85 0.00 -20.03 -18.10
CA SER F 85 0.44 -19.49 -19.38
C SER F 85 1.74 -20.15 -19.87
N LEU F 86 2.62 -20.56 -18.95
CA LEU F 86 3.90 -21.13 -19.34
C LEU F 86 3.79 -22.58 -19.77
N GLY F 88 1.08 -23.66 -21.23
CA GLY F 88 0.39 -23.49 -22.50
C GLY F 88 1.27 -23.00 -23.64
N LEU F 89 2.38 -22.34 -23.32
CA LEU F 89 3.40 -22.05 -24.32
C LEU F 89 4.28 -23.26 -24.54
N GLU F 90 4.42 -24.12 -23.53
CA GLU F 90 5.09 -25.39 -23.75
C GLU F 90 4.24 -26.29 -24.65
N LEU F 91 2.93 -26.28 -24.44
CA LEU F 91 2.06 -27.17 -25.21
C LEU F 91 2.11 -26.86 -26.70
N ARG F 92 1.91 -25.59 -27.07
CA ARG F 92 1.79 -25.23 -28.47
C ARG F 92 3.12 -24.88 -29.11
N ASN F 93 4.25 -25.05 -28.39
CA ASN F 93 5.53 -25.20 -29.06
C ASN F 93 5.80 -26.65 -29.45
N ARG F 94 5.27 -27.61 -28.66
CA ARG F 94 5.31 -29.01 -29.06
C ARG F 94 4.44 -29.27 -30.28
N LEU F 95 3.20 -28.78 -30.26
CA LEU F 95 2.31 -28.93 -31.41
C LEU F 95 2.99 -28.46 -32.68
N GLU F 96 3.52 -27.24 -32.66
CA GLU F 96 4.15 -26.69 -33.85
C GLU F 96 5.35 -27.53 -34.27
N ALA F 97 6.16 -27.96 -33.31
CA ALA F 97 7.21 -28.92 -33.59
C ALA F 97 6.66 -30.30 -33.96
N SER F 98 5.39 -30.58 -33.62
CA SER F 98 4.72 -31.84 -33.98
C SER F 98 4.13 -31.71 -35.38
N LEU F 99 3.08 -30.92 -35.51
CA LEU F 99 2.50 -30.60 -36.81
C LEU F 99 3.33 -29.47 -37.43
N GLY F 100 4.10 -29.81 -38.46
CA GLY F 100 5.10 -28.91 -39.00
C GLY F 100 4.58 -27.60 -39.53
N ILE F 101 3.58 -27.04 -38.87
CA ILE F 101 3.04 -25.73 -39.20
C ILE F 101 3.35 -24.78 -38.05
N THR F 102 3.33 -23.48 -38.36
CA THR F 102 3.55 -22.41 -37.39
C THR F 102 2.26 -21.60 -37.29
N LEU F 103 1.59 -21.68 -36.14
CA LEU F 103 0.31 -21.04 -35.92
C LEU F 103 0.31 -20.25 -34.61
N PRO F 104 -0.74 -19.47 -34.36
CA PRO F 104 -0.64 -18.39 -33.35
C PRO F 104 -0.39 -18.89 -31.93
N VAL F 105 0.18 -17.98 -31.13
CA VAL F 105 0.45 -18.24 -29.72
C VAL F 105 -0.75 -17.97 -28.82
N ALA F 106 -1.78 -17.27 -29.32
CA ALA F 106 -2.99 -17.08 -28.53
C ALA F 106 -3.58 -18.42 -28.11
N LEU F 107 -3.80 -19.32 -29.07
CA LEU F 107 -4.16 -20.71 -28.81
C LEU F 107 -5.35 -20.83 -27.87
N VAL F 108 -5.14 -21.41 -26.69
CA VAL F 108 -6.22 -21.66 -25.74
C VAL F 108 -6.93 -20.39 -25.33
N TRP F 109 -6.38 -19.22 -25.64
CA TRP F 109 -7.15 -17.99 -25.51
C TRP F 109 -8.49 -18.12 -26.22
N ALA F 110 -8.49 -18.83 -27.36
CA ALA F 110 -9.69 -19.06 -28.13
C ALA F 110 -10.13 -20.52 -28.22
N TYR F 111 -9.29 -21.46 -27.78
CA TYR F 111 -9.62 -22.89 -27.84
C TYR F 111 -10.87 -23.18 -27.02
N PRO F 112 -11.95 -23.73 -27.63
CA PRO F 112 -13.20 -23.91 -26.88
C PRO F 112 -13.02 -24.62 -25.56
N THR F 113 -12.22 -25.68 -25.55
CA THR F 113 -12.02 -26.48 -24.36
C THR F 113 -10.63 -27.07 -24.35
N ILE F 114 -10.56 -28.38 -24.54
CA ILE F 114 -9.30 -29.10 -24.64
C ILE F 114 -9.07 -29.60 -26.07
N SER F 115 -9.99 -30.42 -26.58
CA SER F 115 -9.86 -31.01 -27.91
C SER F 115 -10.83 -30.41 -28.91
N ASP F 116 -11.13 -29.12 -28.79
CA ASP F 116 -11.66 -28.36 -29.90
C ASP F 116 -10.58 -27.48 -30.53
N LEU F 117 -9.32 -27.87 -30.35
CA LEU F 117 -8.32 -27.73 -31.39
C LEU F 117 -8.36 -28.90 -32.36
N ALA F 118 -9.49 -29.63 -32.40
CA ALA F 118 -9.74 -30.58 -33.48
C ALA F 118 -9.93 -29.75 -34.73
N THR F 119 -11.06 -29.04 -34.79
CA THR F 119 -11.42 -28.18 -35.90
C THR F 119 -10.28 -27.26 -36.35
N ALA F 120 -9.90 -26.31 -35.49
CA ALA F 120 -9.09 -25.18 -35.95
C ALA F 120 -7.75 -25.62 -36.52
N LEU F 121 -7.07 -26.56 -35.85
CA LEU F 121 -5.82 -27.07 -36.40
C LEU F 121 -6.04 -27.88 -37.66
N CYS F 122 -7.16 -28.60 -37.75
CA CYS F 122 -7.42 -29.46 -38.89
C CYS F 122 -7.56 -28.67 -40.19
N GLU F 123 -7.88 -27.37 -40.11
CA GLU F 123 -7.81 -26.52 -41.30
C GLU F 123 -6.37 -26.15 -41.62
N ARG F 124 -5.58 -25.89 -40.58
CA ARG F 124 -4.18 -25.53 -40.76
C ARG F 124 -3.38 -26.66 -41.38
#